data_6NME
#
_entry.id   6NME
#
_cell.length_a   1.00
_cell.length_b   1.00
_cell.length_c   1.00
_cell.angle_alpha   90.00
_cell.angle_beta   90.00
_cell.angle_gamma   90.00
#
_symmetry.space_group_name_H-M   'P 1'
#
loop_
_entity.id
_entity.type
_entity.pdbx_description
1 polymer Cpf1
2 polymer crRNA
3 non-polymer 'MAGNESIUM ION'
4 water water
#
loop_
_entity_poly.entity_id
_entity_poly.type
_entity_poly.pdbx_seq_one_letter_code
_entity_poly.pdbx_strand_id
1 'polypeptide(L)'
;MSKLEKFTNCYSLSKTLRFKAIPVGKTQENIDNKRLLVEDEKRAEDYKGVKKLLDRYYLSFINDVLHSIKLKNLNNYISL
FRKKTRTEKENKELENLEINLRKEIAKAFKGNEGYKSLFKKDIIETILPEFLDDKDEIALVNSFNGFTTAFTGFFDNREN
MFSEEAKSTSIAFRCINENLTRYISNMDIFEKVDAIFDKHEVQEIKEKILNSDYDVEDFFEGEFFNFVLTQEGIDVYNAI
IGGFVTESGEKIKGLNEYINLYNQKTKQKLPKFKPLYKQVLSDRESLSFYGEGYTSDEEVLEVFRNTLNKNSEIFSSIKK
LEKLFKNFDEYSSAGIFVKNGPAISTISKDIFGEWNVIRDKWNAEYDDIHLKKKAVVTEKYEDDRRKSFKKIGSFSLEQL
QEYADADLSVVEKLKEIIIQKVDEIYKVYGSSEKLFDADFVLEKSLKKNDAVVAIMKDLLDSVKSFENYIKAFFGEGKET
NRDESFYGDFVLAYDILLKVDHIYDAIRNYVTQKPYSKDKFKLYFQNPQFMGGWDKDKETDYRATILRYGSKYYLAIMDK
KYAKCLQKIDKDDVNGNYEKINYKLLPGPNKMLPKVFFSKKWMAYYNPSEDIQKIYKNGTFKKGDMFNLNDCHKLIDFFK
DSISRYPKWSNAYDFNFSETEKYKDIAGFYREVEEQGYKVSFESASKKEVDKLVEEGKLYMFQIYNKDFSDKSHGTPNLH
TMYFKLLFDENNHGQIRLSGGAELFMRRASLKKEELVVHPANSPIANKNPDNPKKTTTLSYDVYKDKRFSEDQYELHIPI
AINKCPKNIFKINTEVRVLLKHDDNPYVIGIDRGERNLLYIVVVDGKGNIVEQYSLNEIINNFNGIRIKTDYHSLLDKKE
KERFEARQNWTSIENIKELKAGYISQVVHKICELVEKYDAVIALEDLNSGFKNSRVKVEKQVYQKFEKMLIDKLNYMVDK
KSNPCATGGALKGYQITNKFESFKSMSTQNGFIFYIPAWLTSKIDPSTGFVNLLKTKYTSIADSKKFISSFDRIMYVPEE
DLFEFALDYKNFSRTDADYIKKWKLYSYGNRIRIFRNPKKNNVFDWEEVCLTSAYKELFNKYGINYQQGDIRALLCEQSD
KAFYSSFMALMSLMLQMRNSITGRTDVDFLISPVKNSDGIFYDSRNYEAQENAILPKNADANGAYNIARKVLWAIGQFKK
AEDEKLDKVKIAISNKEWLEYAQTSVK
;
A
2 'polyribonucleotide' AAUUUCUACUAAGUGUAGAUGGAAAUUAGGUGCGCUUGGC G
#
# COMPACT_ATOMS: atom_id res chain seq x y z
N MET A 1 1.18 14.08 -36.77
CA MET A 1 1.74 12.80 -36.25
C MET A 1 1.03 12.43 -34.94
N SER A 2 1.47 11.35 -34.30
CA SER A 2 0.97 10.97 -32.99
C SER A 2 1.65 11.79 -31.90
N LYS A 3 1.21 11.56 -30.67
CA LYS A 3 1.80 12.22 -29.52
C LYS A 3 2.47 11.23 -28.57
N LEU A 4 2.38 9.94 -28.85
CA LEU A 4 3.10 8.96 -28.05
C LEU A 4 4.52 8.74 -28.53
N GLU A 5 5.04 9.62 -29.37
CA GLU A 5 6.18 9.30 -30.21
C GLU A 5 7.53 9.56 -29.54
N LYS A 6 7.59 9.67 -28.22
CA LYS A 6 8.86 9.90 -27.56
C LYS A 6 9.14 8.95 -26.42
N PHE A 7 8.21 8.07 -26.08
CA PHE A 7 8.24 7.39 -24.78
C PHE A 7 8.74 5.95 -24.94
N THR A 8 10.00 5.87 -25.37
CA THR A 8 10.74 4.64 -25.59
C THR A 8 12.21 5.01 -25.38
N ASN A 9 13.01 4.02 -24.96
CA ASN A 9 14.43 4.21 -24.61
C ASN A 9 14.59 5.25 -23.51
N CYS A 10 13.69 5.21 -22.54
CA CYS A 10 13.67 6.19 -21.46
C CYS A 10 14.31 5.67 -20.18
N TYR A 11 13.80 4.58 -19.63
CA TYR A 11 14.41 4.04 -18.41
C TYR A 11 14.11 2.56 -18.29
N SER A 12 14.85 1.93 -17.39
CA SER A 12 14.92 0.47 -17.32
C SER A 12 13.69 -0.12 -16.65
N LEU A 13 13.65 -1.45 -16.68
CA LEU A 13 12.63 -2.23 -15.98
C LEU A 13 13.21 -3.61 -15.71
N SER A 14 13.02 -4.08 -14.49
CA SER A 14 13.38 -5.44 -14.11
C SER A 14 12.13 -6.15 -13.64
N LYS A 15 11.97 -7.39 -14.09
CA LYS A 15 10.86 -8.25 -13.70
C LYS A 15 11.40 -9.68 -13.70
N THR A 16 10.49 -10.65 -13.71
CA THR A 16 10.91 -12.04 -13.83
C THR A 16 9.84 -12.86 -14.53
N LEU A 17 10.05 -14.17 -14.54
CA LEU A 17 9.09 -15.11 -15.11
C LEU A 17 8.85 -16.24 -14.13
N ARG A 18 7.81 -17.03 -14.42
CA ARG A 18 7.53 -18.28 -13.65
C ARG A 18 6.89 -19.31 -14.59
N PHE A 19 7.50 -20.50 -14.69
CA PHE A 19 7.13 -21.46 -15.71
C PHE A 19 7.18 -22.88 -15.19
N LYS A 20 6.48 -23.76 -15.90
CA LYS A 20 6.39 -25.16 -15.57
C LYS A 20 7.51 -25.94 -16.22
N ALA A 21 8.15 -26.80 -15.44
CA ALA A 21 9.26 -27.62 -15.90
C ALA A 21 8.77 -29.06 -16.01
N ILE A 22 8.56 -29.54 -17.24
CA ILE A 22 8.06 -30.90 -17.41
C ILE A 22 9.19 -31.89 -17.57
N PRO A 23 9.29 -32.88 -16.68
CA PRO A 23 10.30 -33.92 -16.83
C PRO A 23 10.06 -34.77 -18.05
N VAL A 24 11.11 -35.01 -18.80
CA VAL A 24 11.03 -35.75 -20.06
C VAL A 24 11.97 -36.94 -19.97
N GLY A 25 11.46 -38.12 -20.28
CA GLY A 25 12.26 -39.31 -20.25
C GLY A 25 12.52 -39.81 -18.86
N LYS A 26 13.74 -40.26 -18.60
CA LYS A 26 14.08 -40.90 -17.35
C LYS A 26 14.48 -39.92 -16.26
N THR A 27 14.09 -38.66 -16.38
CA THR A 27 14.59 -37.63 -15.45
C THR A 27 13.99 -37.78 -14.06
N GLN A 28 12.67 -37.97 -13.98
CA GLN A 28 12.01 -38.15 -12.69
C GLN A 28 12.49 -39.43 -12.02
N GLU A 29 12.68 -40.48 -12.81
CA GLU A 29 13.22 -41.73 -12.29
C GLU A 29 14.66 -41.55 -11.82
N ASN A 30 15.43 -40.71 -12.50
CA ASN A 30 16.82 -40.54 -12.13
C ASN A 30 16.98 -39.67 -10.89
N ILE A 31 16.14 -38.65 -10.73
CA ILE A 31 16.22 -37.89 -9.48
C ILE A 31 15.66 -38.73 -8.33
N ASP A 32 14.71 -39.62 -8.61
CA ASP A 32 14.25 -40.57 -7.60
C ASP A 32 15.36 -41.54 -7.22
N ASN A 33 16.20 -41.93 -8.18
CA ASN A 33 17.32 -42.80 -7.87
C ASN A 33 18.39 -42.06 -7.07
N LYS A 34 18.78 -40.88 -7.53
CA LYS A 34 19.90 -40.17 -6.94
C LYS A 34 19.52 -39.35 -5.71
N ARG A 35 18.23 -39.35 -5.32
CA ARG A 35 17.75 -38.84 -4.04
C ARG A 35 18.03 -37.34 -3.88
N LEU A 36 17.70 -36.56 -4.91
CA LEU A 36 17.94 -35.12 -4.84
C LEU A 36 16.78 -34.34 -4.28
N LEU A 37 15.99 -34.92 -3.38
CA LEU A 37 14.86 -34.19 -2.83
C LEU A 37 15.02 -33.98 -1.33
N VAL A 38 15.42 -35.04 -0.62
CA VAL A 38 15.36 -35.03 0.83
C VAL A 38 16.35 -34.04 1.44
N GLU A 39 17.45 -33.76 0.73
CA GLU A 39 18.50 -32.94 1.34
C GLU A 39 18.14 -31.47 1.31
N ASP A 40 17.59 -30.98 0.19
CA ASP A 40 17.22 -29.57 0.19
C ASP A 40 15.88 -29.37 0.89
N GLU A 41 15.06 -30.42 0.97
CA GLU A 41 13.91 -30.38 1.86
C GLU A 41 14.32 -30.22 3.30
N LYS A 42 15.30 -31.02 3.74
CA LYS A 42 15.82 -30.89 5.10
C LYS A 42 16.54 -29.57 5.29
N ARG A 43 17.15 -29.05 4.24
CA ARG A 43 17.81 -27.74 4.30
C ARG A 43 16.81 -26.64 4.54
N ALA A 44 15.68 -26.70 3.82
CA ALA A 44 14.60 -25.76 4.06
C ALA A 44 13.99 -25.95 5.44
N GLU A 45 14.02 -27.18 5.96
CA GLU A 45 13.49 -27.41 7.30
C GLU A 45 14.38 -26.77 8.36
N ASP A 46 15.66 -27.05 8.34
CA ASP A 46 16.53 -26.53 9.40
C ASP A 46 17.07 -25.14 9.10
N TYR A 47 16.57 -24.53 8.01
CA TYR A 47 16.91 -23.13 7.68
C TYR A 47 16.35 -22.19 8.76
N LYS A 48 15.21 -22.57 9.35
CA LYS A 48 14.67 -21.85 10.50
C LYS A 48 15.47 -22.12 11.76
N GLY A 49 15.96 -23.34 11.92
CA GLY A 49 16.76 -23.68 13.09
C GLY A 49 18.07 -22.91 13.12
N VAL A 50 18.82 -22.95 12.01
CA VAL A 50 20.08 -22.23 11.95
C VAL A 50 19.86 -20.72 11.94
N LYS A 51 18.71 -20.28 11.46
CA LYS A 51 18.29 -18.89 11.62
C LYS A 51 18.19 -18.53 13.09
N LYS A 52 17.54 -19.40 13.88
CA LYS A 52 17.42 -19.16 15.32
C LYS A 52 18.78 -19.20 16.02
N LEU A 53 19.67 -20.07 15.56
CA LEU A 53 21.02 -20.10 16.11
C LEU A 53 21.77 -18.82 15.78
N LEU A 54 21.56 -18.29 14.58
CA LEU A 54 22.16 -17.02 14.20
C LEU A 54 21.65 -15.89 15.06
N ASP A 55 20.35 -15.90 15.37
CA ASP A 55 19.81 -14.91 16.29
C ASP A 55 20.42 -15.05 17.67
N ARG A 56 20.61 -16.30 18.12
CA ARG A 56 21.21 -16.57 19.42
C ARG A 56 22.62 -16.00 19.50
N TYR A 57 23.42 -16.24 18.47
CA TYR A 57 24.78 -15.72 18.51
C TYR A 57 24.81 -14.23 18.24
N TYR A 58 23.77 -13.70 17.63
CA TYR A 58 23.69 -12.25 17.47
C TYR A 58 23.42 -11.59 18.81
N LEU A 59 22.57 -12.20 19.62
CA LEU A 59 22.41 -11.72 21.00
C LEU A 59 23.69 -11.87 21.78
N SER A 60 24.45 -12.94 21.51
CA SER A 60 25.77 -13.09 22.12
C SER A 60 26.70 -11.96 21.73
N PHE A 61 26.66 -11.56 20.46
CA PHE A 61 27.54 -10.50 19.97
C PHE A 61 27.16 -9.15 20.58
N ILE A 62 25.86 -8.85 20.64
CA ILE A 62 25.49 -7.55 21.18
C ILE A 62 25.63 -7.52 22.69
N ASN A 63 25.54 -8.69 23.34
CA ASN A 63 25.84 -8.70 24.77
C ASN A 63 27.33 -8.60 25.02
N ASP A 64 28.17 -9.04 24.08
CA ASP A 64 29.59 -8.79 24.21
C ASP A 64 29.90 -7.30 24.06
N VAL A 65 29.26 -6.63 23.10
CA VAL A 65 29.50 -5.19 22.94
C VAL A 65 28.73 -4.36 23.96
N LEU A 66 27.85 -4.97 24.75
CA LEU A 66 26.96 -4.28 25.67
C LEU A 66 27.62 -3.95 27.01
N HIS A 67 28.94 -3.80 27.07
CA HIS A 67 29.59 -3.49 28.33
C HIS A 67 30.55 -2.31 28.28
N SER A 68 30.72 -1.67 27.12
CA SER A 68 31.92 -0.87 26.91
C SER A 68 31.68 0.64 26.86
N ILE A 69 30.83 1.12 25.97
CA ILE A 69 30.80 2.52 25.57
C ILE A 69 30.13 3.34 26.66
N LYS A 70 30.67 4.52 26.93
CA LYS A 70 30.13 5.43 27.93
C LYS A 70 29.71 6.73 27.27
N LEU A 71 28.61 7.30 27.74
CA LEU A 71 27.97 8.45 27.12
C LEU A 71 28.06 9.67 28.04
N LYS A 72 28.02 10.86 27.43
CA LYS A 72 28.27 12.10 28.15
C LYS A 72 27.15 13.13 28.03
N ASN A 73 26.42 13.16 26.91
CA ASN A 73 25.41 14.20 26.68
C ASN A 73 24.16 14.02 27.54
N LEU A 74 24.05 12.86 28.19
CA LEU A 74 22.97 12.57 29.11
C LEU A 74 22.88 13.55 30.27
N ASN A 75 24.01 14.16 30.67
CA ASN A 75 24.03 15.01 31.86
C ASN A 75 23.25 16.29 31.63
N ASN A 76 23.42 16.91 30.47
CA ASN A 76 22.59 18.05 30.10
C ASN A 76 21.23 17.61 29.58
N TYR A 77 21.16 16.40 29.03
CA TYR A 77 19.92 15.90 28.47
C TYR A 77 18.86 15.70 29.54
N ILE A 78 19.25 15.13 30.68
CA ILE A 78 18.29 14.85 31.75
C ILE A 78 17.77 16.16 32.34
N SER A 79 18.61 17.18 32.39
CA SER A 79 18.19 18.47 32.92
C SER A 79 17.20 19.14 31.99
N LEU A 80 17.57 19.28 30.70
CA LEU A 80 16.71 19.98 29.76
C LEU A 80 15.45 19.19 29.44
N PHE A 81 15.44 17.88 29.70
CA PHE A 81 14.20 17.13 29.66
C PHE A 81 13.36 17.39 30.90
N ARG A 82 13.90 17.12 32.09
CA ARG A 82 13.11 17.09 33.32
C ARG A 82 12.73 18.46 33.85
N LYS A 83 13.23 19.55 33.26
CA LYS A 83 13.01 20.87 33.84
C LYS A 83 11.69 21.50 33.42
N LYS A 84 10.66 20.68 33.14
CA LYS A 84 9.28 21.10 32.85
C LYS A 84 9.25 22.02 31.63
N GLU A 90 12.74 26.03 23.14
CA GLU A 90 13.79 25.26 23.79
C GLU A 90 13.80 23.81 23.34
N ASN A 91 12.65 23.27 22.92
CA ASN A 91 12.62 21.90 22.44
C ASN A 91 13.30 21.74 21.09
N LYS A 92 13.47 22.82 20.33
CA LYS A 92 14.27 22.69 19.12
C LYS A 92 15.75 22.54 19.46
N GLU A 93 16.23 23.24 20.49
CA GLU A 93 17.59 23.02 20.96
C GLU A 93 17.76 21.63 21.55
N LEU A 94 16.74 21.15 22.27
CA LEU A 94 16.77 19.80 22.81
C LEU A 94 16.74 18.75 21.70
N GLU A 95 16.04 19.04 20.61
CA GLU A 95 16.04 18.12 19.48
C GLU A 95 17.36 18.15 18.73
N ASN A 96 17.99 19.32 18.64
CA ASN A 96 19.31 19.42 18.01
C ASN A 96 20.36 18.69 18.82
N LEU A 97 20.24 18.69 20.15
CA LEU A 97 21.12 17.86 20.96
C LEU A 97 20.69 16.40 20.95
N GLU A 98 19.42 16.12 20.67
CA GLU A 98 18.97 14.75 20.51
C GLU A 98 19.51 14.13 19.25
N ILE A 99 19.75 14.94 18.21
CA ILE A 99 20.46 14.48 17.04
C ILE A 99 21.88 14.06 17.40
N ASN A 100 22.53 14.82 18.30
CA ASN A 100 23.86 14.46 18.76
C ASN A 100 23.84 13.19 19.60
N LEU A 101 22.78 13.02 20.39
CA LEU A 101 22.55 11.77 21.11
C LEU A 101 22.40 10.60 20.16
N ARG A 102 21.60 10.79 19.10
CA ARG A 102 21.38 9.76 18.10
C ARG A 102 22.66 9.42 17.34
N LYS A 103 23.47 10.43 17.05
CA LYS A 103 24.76 10.20 16.40
C LYS A 103 25.72 9.46 17.33
N GLU A 104 25.70 9.81 18.62
CA GLU A 104 26.60 9.18 19.57
C GLU A 104 26.24 7.72 19.80
N ILE A 105 24.94 7.42 19.87
CA ILE A 105 24.54 6.04 20.05
C ILE A 105 24.70 5.26 18.75
N ALA A 106 24.64 5.94 17.60
CA ALA A 106 24.91 5.29 16.33
C ALA A 106 26.38 4.90 16.25
N LYS A 107 27.27 5.79 16.70
CA LYS A 107 28.70 5.46 16.74
C LYS A 107 28.96 4.35 17.74
N ALA A 108 28.31 4.40 18.91
CA ALA A 108 28.46 3.37 19.93
C ALA A 108 28.00 2.01 19.42
N PHE A 109 26.95 2.00 18.60
CA PHE A 109 26.51 0.75 18.00
C PHE A 109 27.52 0.26 16.96
N LYS A 110 27.80 1.10 15.97
CA LYS A 110 28.50 0.62 14.80
C LYS A 110 30.01 0.54 15.01
N GLY A 111 30.64 1.68 15.28
CA GLY A 111 32.07 1.80 15.07
C GLY A 111 32.95 1.22 16.15
N ASN A 112 32.64 0.03 16.66
CA ASN A 112 33.43 -0.56 17.73
C ASN A 112 33.34 -2.07 17.70
N GLU A 113 34.31 -2.69 18.40
CA GLU A 113 34.23 -4.06 18.92
C GLU A 113 34.11 -5.10 17.81
N GLY A 114 35.14 -5.18 16.98
CA GLY A 114 35.11 -6.19 15.95
C GLY A 114 34.33 -5.65 14.77
N TYR A 115 33.04 -5.99 14.74
CA TYR A 115 32.03 -5.45 13.83
C TYR A 115 32.33 -5.82 12.37
N LYS A 116 33.11 -6.87 12.15
CA LYS A 116 33.65 -7.16 10.84
C LYS A 116 33.09 -8.45 10.24
N SER A 117 33.26 -9.57 10.91
CA SER A 117 32.82 -10.87 10.40
C SER A 117 31.35 -11.10 10.70
N LEU A 118 30.50 -10.28 10.12
CA LEU A 118 29.13 -10.14 10.57
C LEU A 118 28.11 -10.70 9.60
N PHE A 119 28.11 -10.22 8.36
CA PHE A 119 27.12 -10.60 7.38
C PHE A 119 27.78 -11.11 6.12
N LYS A 120 28.69 -12.05 6.29
CA LYS A 120 29.51 -12.58 5.22
C LYS A 120 29.49 -14.10 5.31
N LYS A 121 30.39 -14.74 4.55
CA LYS A 121 30.53 -16.19 4.63
C LYS A 121 31.22 -16.62 5.91
N ASP A 122 32.09 -15.76 6.46
CA ASP A 122 33.05 -16.14 7.49
C ASP A 122 32.38 -16.56 8.78
N ILE A 123 31.31 -15.85 9.16
CA ILE A 123 30.61 -16.08 10.41
C ILE A 123 30.01 -17.49 10.47
N ILE A 124 29.31 -17.90 9.41
CA ILE A 124 28.76 -19.25 9.35
C ILE A 124 29.81 -20.27 8.95
N GLU A 125 30.95 -19.83 8.41
CA GLU A 125 31.98 -20.78 8.05
C GLU A 125 32.79 -21.22 9.26
N THR A 126 33.06 -20.31 10.18
CA THR A 126 33.95 -20.61 11.30
C THR A 126 33.36 -20.27 12.66
N ILE A 127 32.65 -19.15 12.77
CA ILE A 127 32.32 -18.62 14.09
C ILE A 127 31.16 -19.39 14.69
N LEU A 128 30.04 -19.46 13.99
CA LEU A 128 28.94 -20.31 14.42
C LEU A 128 29.26 -21.80 14.45
N PRO A 129 30.23 -22.35 13.68
CA PRO A 129 30.78 -23.65 14.05
C PRO A 129 31.36 -23.72 15.46
N GLU A 130 31.89 -22.62 16.00
CA GLU A 130 32.34 -22.65 17.37
C GLU A 130 31.23 -22.34 18.36
CA ASP A 136 24.35 -32.25 15.82
C ASP A 136 24.39 -30.98 14.94
N GLU A 137 24.45 -29.83 15.61
CA GLU A 137 24.45 -28.47 15.01
C GLU A 137 25.65 -28.28 14.07
N ILE A 138 26.81 -28.82 14.43
CA ILE A 138 28.04 -28.70 13.59
C ILE A 138 27.76 -29.38 12.24
N ALA A 139 27.12 -30.55 12.27
CA ALA A 139 26.78 -31.28 11.03
C ALA A 139 25.82 -30.40 10.20
N LEU A 140 24.85 -29.78 10.87
CA LEU A 140 23.91 -28.91 10.11
C LEU A 140 24.67 -27.74 9.43
N VAL A 141 25.59 -27.08 10.12
CA VAL A 141 26.33 -25.94 9.49
C VAL A 141 27.20 -26.44 8.33
N ASN A 142 27.77 -27.64 8.48
CA ASN A 142 28.63 -28.23 7.42
C ASN A 142 27.75 -28.42 6.17
N SER A 143 26.52 -28.92 6.35
CA SER A 143 25.57 -29.10 5.22
C SER A 143 25.20 -27.75 4.61
N PHE A 144 25.09 -26.71 5.44
CA PHE A 144 24.71 -25.33 5.02
C PHE A 144 25.88 -24.54 4.39
N ASN A 145 27.09 -25.10 4.30
CA ASN A 145 28.26 -24.37 3.70
C ASN A 145 28.05 -23.96 2.23
N GLY A 146 28.66 -22.84 1.81
CA GLY A 146 28.58 -22.19 0.52
C GLY A 146 27.18 -21.88 0.04
N PHE A 147 26.19 -21.91 0.92
CA PHE A 147 24.81 -21.64 0.55
C PHE A 147 24.38 -20.31 1.16
N THR A 148 25.30 -19.34 1.13
CA THR A 148 25.09 -18.05 1.77
C THR A 148 24.02 -17.24 1.07
N THR A 149 23.72 -17.55 -0.20
CA THR A 149 22.64 -16.90 -0.92
C THR A 149 21.29 -17.11 -0.25
N ALA A 150 21.11 -18.25 0.40
CA ALA A 150 19.91 -18.52 1.19
C ALA A 150 19.80 -17.65 2.44
N PHE A 151 20.83 -16.88 2.76
CA PHE A 151 20.89 -16.13 3.99
C PHE A 151 21.30 -14.69 3.76
N THR A 152 21.57 -14.33 2.50
CA THR A 152 21.76 -12.94 2.13
C THR A 152 20.57 -12.09 2.53
N GLY A 153 19.36 -12.61 2.33
CA GLY A 153 18.17 -11.91 2.78
C GLY A 153 18.13 -11.76 4.28
N PHE A 154 18.63 -12.75 5.01
CA PHE A 154 18.70 -12.64 6.46
C PHE A 154 19.72 -11.60 6.88
N PHE A 155 20.83 -11.52 6.14
CA PHE A 155 21.84 -10.50 6.40
C PHE A 155 21.29 -9.10 6.19
N ASP A 156 20.58 -8.91 5.07
CA ASP A 156 19.96 -7.62 4.80
C ASP A 156 18.87 -7.32 5.80
N ASN A 157 18.16 -8.34 6.26
CA ASN A 157 17.15 -8.16 7.27
C ASN A 157 17.75 -7.86 8.63
N ARG A 158 18.97 -8.32 8.88
CA ARG A 158 19.51 -8.30 10.22
C ARG A 158 20.58 -7.24 10.40
N GLU A 159 20.92 -6.52 9.34
CA GLU A 159 21.80 -5.37 9.49
C GLU A 159 21.06 -4.10 9.91
N ASN A 160 19.75 -4.25 10.14
CA ASN A 160 18.79 -3.14 10.44
C ASN A 160 19.01 -2.41 11.77
N MET A 161 19.43 -3.13 12.82
CA MET A 161 19.51 -2.57 14.20
C MET A 161 20.51 -1.42 14.35
N PHE A 162 21.55 -1.35 13.51
CA PHE A 162 22.63 -0.35 13.70
C PHE A 162 22.45 0.96 12.90
N SER A 163 21.31 1.24 12.27
CA SER A 163 21.31 2.47 11.50
C SER A 163 20.54 3.58 12.21
N GLU A 164 20.34 4.67 11.49
CA GLU A 164 19.66 5.86 12.00
C GLU A 164 18.16 5.83 11.73
N GLU A 165 17.58 4.64 11.62
CA GLU A 165 16.22 4.54 11.13
C GLU A 165 15.18 4.91 12.18
N ALA A 166 15.53 4.78 13.48
CA ALA A 166 14.64 5.03 14.62
C ALA A 166 13.37 4.20 14.57
N LYS A 167 13.42 3.04 13.95
CA LYS A 167 12.25 2.20 13.75
C LYS A 167 12.16 1.17 14.87
N SER A 168 11.27 0.20 14.69
CA SER A 168 11.22 -0.94 15.60
C SER A 168 12.46 -1.81 15.48
N THR A 169 13.12 -1.79 14.31
CA THR A 169 14.35 -2.53 14.13
C THR A 169 15.50 -1.94 14.93
N SER A 170 15.45 -0.64 15.20
CA SER A 170 16.59 0.10 15.75
C SER A 170 16.66 -0.07 17.25
N ILE A 171 17.68 -0.80 17.71
CA ILE A 171 17.84 -1.00 19.14
C ILE A 171 18.40 0.25 19.81
N ALA A 172 18.97 1.17 19.04
CA ALA A 172 19.42 2.44 19.62
C ALA A 172 18.23 3.30 20.01
N PHE A 173 17.27 3.46 19.09
CA PHE A 173 15.98 4.06 19.40
C PHE A 173 15.31 3.31 20.54
N ARG A 174 15.34 1.98 20.49
CA ARG A 174 14.67 1.17 21.49
C ARG A 174 15.30 1.32 22.87
N CYS A 175 16.61 1.51 22.96
CA CYS A 175 17.23 1.60 24.26
C CYS A 175 17.18 3.03 24.79
N ILE A 176 17.11 4.01 23.90
CA ILE A 176 17.14 5.37 24.40
C ILE A 176 15.75 5.93 24.55
N ASN A 177 15.05 6.07 23.42
CA ASN A 177 13.97 7.04 23.26
C ASN A 177 12.78 6.76 24.15
N GLU A 178 12.55 5.51 24.50
CA GLU A 178 11.53 5.17 25.48
C GLU A 178 12.15 4.87 26.83
N ASN A 179 13.24 4.11 26.83
CA ASN A 179 13.70 3.49 28.07
C ASN A 179 14.41 4.48 28.98
N LEU A 180 15.27 5.34 28.42
CA LEU A 180 15.92 6.33 29.25
C LEU A 180 14.93 7.38 29.74
N THR A 181 13.96 7.72 28.88
CA THR A 181 12.94 8.69 29.27
C THR A 181 12.08 8.16 30.40
N ARG A 182 11.61 6.92 30.28
CA ARG A 182 10.84 6.29 31.34
C ARG A 182 11.71 6.06 32.57
N TYR A 183 13.02 5.89 32.38
CA TYR A 183 13.93 5.71 33.50
C TYR A 183 14.06 6.99 34.31
N ILE A 184 14.24 8.12 33.64
CA ILE A 184 14.39 9.38 34.36
C ILE A 184 13.06 9.77 34.99
N SER A 185 11.94 9.46 34.32
CA SER A 185 10.65 9.75 34.93
C SER A 185 10.40 8.88 36.14
N ASN A 186 10.83 7.62 36.10
CA ASN A 186 10.73 6.77 37.28
C ASN A 186 11.69 7.21 38.38
N MET A 187 12.82 7.79 38.00
CA MET A 187 13.75 8.35 38.96
C MET A 187 13.12 9.50 39.71
N ASP A 188 12.42 10.34 38.95
CA ASP A 188 11.79 11.52 39.54
C ASP A 188 10.56 11.14 40.37
N ILE A 189 9.81 10.14 39.92
CA ILE A 189 8.70 9.61 40.70
C ILE A 189 9.21 8.97 41.98
N PHE A 190 10.38 8.33 41.89
CA PHE A 190 11.03 7.77 43.07
C PHE A 190 11.45 8.88 44.04
N GLU A 191 11.98 9.99 43.51
CA GLU A 191 12.27 11.15 44.34
C GLU A 191 11.00 11.71 44.97
N LYS A 192 9.86 11.58 44.28
CA LYS A 192 8.58 12.03 44.81
C LYS A 192 8.10 11.12 45.95
N VAL A 193 8.26 9.81 45.81
CA VAL A 193 7.63 8.87 46.75
C VAL A 193 8.67 8.16 47.62
N ASP A 194 9.89 8.69 47.68
CA ASP A 194 10.97 8.07 48.45
C ASP A 194 10.72 8.14 49.95
N ALA A 195 9.83 9.01 50.40
CA ALA A 195 9.51 9.12 51.82
C ALA A 195 8.80 7.88 52.35
N ILE A 196 8.06 7.16 51.52
CA ILE A 196 7.34 5.98 51.98
C ILE A 196 8.22 4.73 51.93
N PHE A 197 9.32 4.78 51.19
CA PHE A 197 10.22 3.64 51.07
C PHE A 197 11.02 3.50 52.36
N ASP A 198 10.86 2.36 53.02
CA ASP A 198 11.53 2.13 54.29
C ASP A 198 12.86 1.42 54.08
N LYS A 199 13.80 1.71 54.99
CA LYS A 199 15.15 1.17 54.86
C LYS A 199 15.20 -0.32 55.16
N HIS A 200 14.25 -0.85 55.91
CA HIS A 200 14.24 -2.28 56.18
C HIS A 200 13.78 -3.10 54.98
N GLU A 201 12.99 -2.52 54.08
CA GLU A 201 12.33 -3.28 53.03
C GLU A 201 12.94 -3.04 51.66
N VAL A 202 13.03 -1.79 51.23
CA VAL A 202 13.13 -1.52 49.80
C VAL A 202 14.53 -1.73 49.25
N GLN A 203 15.54 -1.81 50.13
CA GLN A 203 16.90 -2.02 49.66
C GLN A 203 17.68 -3.04 50.48
N GLU A 204 17.20 -3.42 51.66
CA GLU A 204 17.95 -4.39 52.44
C GLU A 204 17.70 -5.80 51.91
N ILE A 205 16.45 -6.27 52.06
CA ILE A 205 16.15 -7.67 51.74
C ILE A 205 16.17 -7.90 50.24
N LYS A 206 15.72 -6.91 49.46
CA LYS A 206 15.60 -7.09 48.02
C LYS A 206 16.96 -7.12 47.35
N GLU A 207 17.84 -6.18 47.68
CA GLU A 207 19.18 -6.20 47.11
C GLU A 207 20.01 -7.35 47.66
N LYS A 208 19.90 -7.64 48.96
CA LYS A 208 20.75 -8.68 49.53
C LYS A 208 20.24 -10.08 49.16
N ILE A 209 19.04 -10.18 48.61
CA ILE A 209 18.64 -11.43 47.96
C ILE A 209 19.04 -11.43 46.49
N LEU A 210 18.76 -10.33 45.78
CA LEU A 210 18.94 -10.29 44.33
C LEU A 210 20.41 -10.29 43.93
N ASN A 211 21.17 -9.31 44.37
CA ASN A 211 22.52 -9.17 43.85
C ASN A 211 23.57 -8.91 44.92
N SER A 212 23.14 -8.37 46.07
CA SER A 212 24.01 -7.81 47.12
C SER A 212 24.92 -6.72 46.59
N ASP A 213 24.52 -6.04 45.53
CA ASP A 213 25.32 -5.03 44.85
C ASP A 213 24.98 -3.64 45.41
N TYR A 214 25.38 -2.60 44.68
CA TYR A 214 25.23 -1.20 45.05
C TYR A 214 23.77 -0.81 45.26
N ASP A 215 23.56 0.31 45.96
CA ASP A 215 22.27 0.62 46.57
C ASP A 215 21.25 1.01 45.49
N VAL A 216 19.96 0.92 45.84
CA VAL A 216 18.93 1.30 44.89
C VAL A 216 18.89 2.82 44.70
N GLU A 217 19.30 3.59 45.71
CA GLU A 217 19.52 5.02 45.52
C GLU A 217 20.74 5.31 44.67
N ASP A 218 21.63 4.32 44.49
CA ASP A 218 22.60 4.44 43.42
C ASP A 218 21.96 4.13 42.06
N PHE A 219 21.12 3.11 42.01
CA PHE A 219 20.58 2.68 40.73
C PHE A 219 19.39 3.51 40.26
N PHE A 220 18.99 4.52 41.02
CA PHE A 220 18.17 5.59 40.49
C PHE A 220 18.98 6.79 40.06
N GLU A 221 20.20 6.60 39.56
CA GLU A 221 20.91 7.72 38.98
C GLU A 221 20.97 7.56 37.47
N GLY A 222 21.06 8.71 36.78
CA GLY A 222 21.24 8.68 35.35
C GLY A 222 22.56 8.10 34.91
N GLU A 223 23.57 8.15 35.78
CA GLU A 223 24.89 7.64 35.50
C GLU A 223 24.96 6.11 35.55
N PHE A 224 23.85 5.43 35.85
CA PHE A 224 23.80 3.98 35.80
C PHE A 224 22.98 3.44 34.64
N PHE A 225 22.36 4.30 33.82
CA PHE A 225 21.58 3.80 32.70
C PHE A 225 22.46 3.16 31.65
N ASN A 226 23.64 3.72 31.41
CA ASN A 226 24.63 3.11 30.54
C ASN A 226 25.05 1.74 31.04
N PHE A 227 25.13 1.56 32.36
CA PHE A 227 25.44 0.25 32.91
C PHE A 227 24.27 -0.72 32.76
N VAL A 228 23.04 -0.24 32.97
CA VAL A 228 21.88 -1.12 32.93
C VAL A 228 21.29 -1.20 31.53
N LEU A 229 22.02 -0.72 30.51
CA LEU A 229 21.68 -0.90 29.10
C LEU A 229 21.50 -2.34 28.65
N THR A 230 21.86 -3.33 29.46
CA THR A 230 21.65 -4.73 29.10
C THR A 230 20.29 -5.23 29.58
N GLN A 231 19.94 -6.41 29.07
CA GLN A 231 18.67 -7.02 29.44
C GLN A 231 18.66 -7.50 30.87
N GLU A 232 19.84 -7.77 31.46
CA GLU A 232 19.90 -8.05 32.89
C GLU A 232 19.50 -6.84 33.70
N GLY A 233 19.95 -5.66 33.27
CA GLY A 233 19.48 -4.43 33.88
C GLY A 233 18.00 -4.23 33.68
N ILE A 234 17.48 -4.61 32.50
CA ILE A 234 16.05 -4.54 32.22
C ILE A 234 15.27 -5.39 33.20
N ASP A 235 15.68 -6.65 33.38
CA ASP A 235 14.88 -7.53 34.21
C ASP A 235 15.07 -7.21 35.70
N VAL A 236 16.23 -6.71 36.11
CA VAL A 236 16.38 -6.37 37.52
C VAL A 236 15.61 -5.09 37.82
N TYR A 237 15.47 -4.22 36.81
CA TYR A 237 14.62 -3.05 36.92
C TYR A 237 13.17 -3.46 37.13
N ASN A 238 12.69 -4.37 36.29
CA ASN A 238 11.32 -4.84 36.45
C ASN A 238 11.15 -5.70 37.69
N ALA A 239 12.23 -6.23 38.24
CA ALA A 239 12.17 -6.87 39.55
C ALA A 239 12.02 -5.85 40.67
N ILE A 240 12.65 -4.67 40.53
CA ILE A 240 12.40 -3.58 41.47
C ILE A 240 10.95 -3.14 41.38
N ILE A 241 10.41 -3.11 40.17
CA ILE A 241 9.02 -2.70 39.97
C ILE A 241 8.06 -3.71 40.58
N GLY A 242 8.07 -4.94 40.05
CA GLY A 242 7.08 -5.92 40.43
C GLY A 242 7.55 -6.93 41.44
N GLY A 243 8.72 -7.50 41.23
CA GLY A 243 9.22 -8.53 42.11
C GLY A 243 9.87 -9.63 41.30
N PHE A 244 10.11 -10.76 41.97
CA PHE A 244 10.89 -11.83 41.40
C PHE A 244 10.61 -13.11 42.17
N VAL A 245 10.78 -14.24 41.49
CA VAL A 245 10.71 -15.54 42.14
C VAL A 245 11.89 -15.72 43.10
N THR A 246 13.06 -15.19 42.75
CA THR A 246 14.33 -15.30 43.48
C THR A 246 14.71 -16.74 43.78
N GLU A 247 14.47 -17.65 42.84
CA GLU A 247 14.97 -19.03 42.79
C GLU A 247 14.35 -19.93 43.86
N SER A 248 13.48 -19.39 44.70
CA SER A 248 12.85 -20.16 45.76
C SER A 248 11.42 -19.69 45.97
N GLY A 249 10.81 -20.10 47.07
CA GLY A 249 9.46 -19.65 47.38
C GLY A 249 9.43 -18.39 48.22
N GLU A 250 10.47 -17.57 48.10
CA GLU A 250 10.58 -16.35 48.89
C GLU A 250 9.59 -15.29 48.41
N LYS A 251 9.53 -15.08 47.08
CA LYS A 251 8.58 -14.20 46.41
C LYS A 251 8.68 -12.76 46.91
N ILE A 252 9.80 -12.13 46.54
CA ILE A 252 10.10 -10.77 46.96
C ILE A 252 9.03 -9.78 46.47
N LYS A 253 8.82 -8.74 47.26
CA LYS A 253 7.86 -7.71 46.92
C LYS A 253 8.42 -6.79 45.84
N GLY A 254 7.57 -5.88 45.36
CA GLY A 254 7.98 -4.85 44.43
C GLY A 254 7.70 -3.47 45.02
N LEU A 255 8.38 -2.48 44.45
CA LEU A 255 8.17 -1.11 44.90
C LEU A 255 6.82 -0.58 44.41
N ASN A 256 6.42 -1.00 43.22
CA ASN A 256 5.06 -0.72 42.75
C ASN A 256 4.03 -1.41 43.63
N GLU A 257 4.36 -2.60 44.14
CA GLU A 257 3.49 -3.26 45.10
C GLU A 257 3.49 -2.54 46.44
N TYR A 258 4.59 -1.86 46.77
CA TYR A 258 4.61 -1.05 47.99
C TYR A 258 3.69 0.15 47.85
N ILE A 259 3.69 0.77 46.67
CA ILE A 259 2.74 1.82 46.38
C ILE A 259 1.31 1.28 46.34
N ASN A 260 1.16 0.02 45.92
CA ASN A 260 -0.16 -0.63 45.92
C ASN A 260 -0.68 -0.82 47.34
N LEU A 261 0.17 -1.33 48.22
CA LEU A 261 -0.22 -1.48 49.62
C LEU A 261 -0.21 -0.15 50.38
N TYR A 262 0.23 0.94 49.74
CA TYR A 262 0.00 2.27 50.28
C TYR A 262 -1.42 2.80 49.98
N ASN A 263 -2.34 1.91 49.63
CA ASN A 263 -3.77 2.14 49.67
C ASN A 263 -4.33 2.09 51.09
N GLN A 264 -3.48 1.88 52.10
CA GLN A 264 -3.93 1.91 53.48
C GLN A 264 -4.42 3.30 53.88
N LYS A 265 -3.87 4.35 53.27
CA LYS A 265 -4.42 5.69 53.45
C LYS A 265 -5.67 5.93 52.61
N THR A 266 -5.96 5.02 51.67
CA THR A 266 -7.14 5.02 50.79
C THR A 266 -7.24 6.27 49.91
N LYS A 267 -6.15 7.00 49.73
CA LYS A 267 -6.09 8.17 48.87
C LYS A 267 -4.78 8.21 48.10
N GLN A 268 -4.38 7.06 47.53
CA GLN A 268 -3.05 6.72 47.03
C GLN A 268 -2.40 7.82 46.19
N LYS A 269 -2.96 8.08 44.99
CA LYS A 269 -2.61 9.22 44.14
C LYS A 269 -1.13 9.26 43.78
N LEU A 270 -0.52 8.10 43.61
CA LEU A 270 0.88 8.09 43.24
C LEU A 270 1.07 7.42 41.90
N PRO A 271 1.96 7.94 41.06
CA PRO A 271 2.27 7.27 39.79
C PRO A 271 3.23 6.11 40.01
N LYS A 272 3.10 5.12 39.14
CA LYS A 272 3.82 3.86 39.26
C LYS A 272 5.15 3.93 38.50
N PHE A 273 5.76 2.76 38.33
CA PHE A 273 6.96 2.67 37.52
C PHE A 273 6.68 1.92 36.24
N LYS A 274 7.24 2.43 35.15
CA LYS A 274 7.13 1.85 33.81
C LYS A 274 8.26 0.88 33.56
N PRO A 275 8.01 -0.30 33.03
CA PRO A 275 9.07 -1.28 32.82
C PRO A 275 9.88 -0.93 31.57
N LEU A 276 10.85 -1.79 31.28
CA LEU A 276 11.75 -1.56 30.17
C LEU A 276 11.49 -2.56 29.06
N TYR A 277 11.79 -2.13 27.84
CA TYR A 277 11.54 -2.91 26.65
C TYR A 277 12.79 -3.71 26.29
N LYS A 278 12.65 -5.03 26.26
CA LYS A 278 13.70 -5.90 25.76
C LYS A 278 13.44 -6.14 24.28
N GLN A 279 14.14 -7.10 23.67
CA GLN A 279 13.82 -7.47 22.30
C GLN A 279 14.06 -8.95 22.11
N VAL A 280 13.34 -9.51 21.14
CA VAL A 280 13.35 -10.91 20.66
C VAL A 280 13.55 -11.99 21.71
N GLU A 292 3.66 -17.22 16.72
CA GLU A 292 3.85 -18.30 15.77
C GLU A 292 2.68 -19.28 15.85
N GLY A 293 2.30 -19.87 14.71
CA GLY A 293 1.14 -20.74 14.66
C GLY A 293 0.87 -21.31 13.28
N TYR A 294 -0.40 -21.24 12.85
CA TYR A 294 -0.90 -21.58 11.50
C TYR A 294 -0.49 -22.98 11.04
N THR A 295 -0.70 -23.99 11.90
CA THR A 295 -0.40 -25.36 11.52
C THR A 295 -1.64 -26.23 11.37
N SER A 296 -2.43 -26.34 12.42
CA SER A 296 -3.60 -27.20 12.42
C SER A 296 -4.78 -26.44 12.97
N ASP A 297 -5.98 -26.88 12.58
CA ASP A 297 -7.21 -26.25 13.04
C ASP A 297 -7.41 -26.44 14.53
N GLU A 298 -7.27 -27.68 15.03
CA GLU A 298 -7.38 -27.93 16.45
C GLU A 298 -6.29 -27.22 17.22
N GLU A 299 -5.11 -27.12 16.61
CA GLU A 299 -4.00 -26.39 17.19
C GLU A 299 -4.33 -24.91 17.36
N VAL A 300 -4.90 -24.28 16.33
CA VAL A 300 -5.11 -22.85 16.45
C VAL A 300 -6.32 -22.56 17.33
N LEU A 301 -7.30 -23.46 17.37
CA LEU A 301 -8.38 -23.28 18.32
C LEU A 301 -7.90 -23.48 19.74
N GLU A 302 -6.97 -24.41 19.95
CA GLU A 302 -6.43 -24.61 21.29
C GLU A 302 -5.58 -23.43 21.73
N VAL A 303 -4.80 -22.85 20.82
CA VAL A 303 -4.02 -21.68 21.22
C VAL A 303 -4.93 -20.46 21.34
N PHE A 304 -6.07 -20.46 20.65
CA PHE A 304 -7.05 -19.41 20.85
C PHE A 304 -7.65 -19.50 22.24
N ARG A 305 -8.03 -20.70 22.65
CA ARG A 305 -8.59 -20.88 23.99
C ARG A 305 -7.56 -20.63 25.06
N ASN A 306 -6.30 -20.97 24.78
CA ASN A 306 -5.24 -20.74 25.76
C ASN A 306 -4.89 -19.26 25.86
N THR A 307 -5.09 -18.50 24.79
CA THR A 307 -4.88 -17.06 24.86
C THR A 307 -6.12 -16.35 25.36
N LEU A 308 -7.29 -16.96 25.23
CA LEU A 308 -8.57 -16.29 25.44
C LEU A 308 -9.42 -16.99 26.48
N ASN A 309 -8.83 -17.73 27.40
CA ASN A 309 -9.63 -18.40 28.39
C ASN A 309 -10.03 -17.43 29.49
N LYS A 310 -10.75 -17.96 30.48
CA LYS A 310 -11.30 -17.11 31.51
C LYS A 310 -10.24 -16.61 32.48
N ASN A 311 -9.22 -17.41 32.74
CA ASN A 311 -8.08 -16.97 33.54
C ASN A 311 -6.89 -16.59 32.67
N SER A 312 -7.15 -16.21 31.42
CA SER A 312 -6.08 -15.78 30.55
C SER A 312 -5.64 -14.36 30.93
N GLU A 313 -4.42 -14.02 30.52
CA GLU A 313 -3.89 -12.69 30.75
C GLU A 313 -4.69 -11.64 30.01
N ILE A 314 -5.21 -12.01 28.84
CA ILE A 314 -6.12 -11.16 28.09
C ILE A 314 -7.37 -10.86 28.92
N PHE A 315 -7.97 -11.92 29.47
CA PHE A 315 -9.20 -11.81 30.27
C PHE A 315 -8.96 -10.96 31.51
N SER A 316 -7.86 -11.20 32.21
CA SER A 316 -7.60 -10.48 33.44
C SER A 316 -7.24 -9.03 33.19
N SER A 317 -6.58 -8.74 32.06
CA SER A 317 -6.33 -7.35 31.72
C SER A 317 -7.61 -6.64 31.32
N ILE A 318 -8.54 -7.37 30.70
CA ILE A 318 -9.86 -6.82 30.44
C ILE A 318 -10.56 -6.48 31.74
N LYS A 319 -10.50 -7.38 32.72
CA LYS A 319 -11.09 -7.13 34.04
C LYS A 319 -10.40 -5.98 34.76
N LYS A 320 -9.08 -5.83 34.55
CA LYS A 320 -8.35 -4.69 35.07
C LYS A 320 -8.87 -3.39 34.48
N LEU A 321 -9.14 -3.41 33.18
CA LEU A 321 -9.76 -2.25 32.55
C LEU A 321 -11.16 -2.01 33.08
N GLU A 322 -11.89 -3.09 33.42
CA GLU A 322 -13.23 -2.93 33.98
C GLU A 322 -13.20 -2.22 35.33
N LYS A 323 -12.29 -2.63 36.22
CA LYS A 323 -12.25 -1.97 37.53
C LYS A 323 -11.67 -0.57 37.41
N LEU A 324 -10.66 -0.40 36.56
CA LEU A 324 -10.05 0.91 36.34
C LEU A 324 -11.05 1.90 35.77
N PHE A 325 -11.84 1.48 34.80
CA PHE A 325 -12.80 2.39 34.22
C PHE A 325 -14.16 2.29 34.85
N LYS A 326 -14.30 1.50 35.91
CA LYS A 326 -15.42 1.67 36.80
C LYS A 326 -15.13 2.77 37.82
N ASN A 327 -13.87 2.87 38.26
CA ASN A 327 -13.47 3.95 39.16
C ASN A 327 -12.63 5.01 38.46
N PHE A 328 -12.83 5.17 37.14
CA PHE A 328 -12.17 6.19 36.34
C PHE A 328 -12.50 7.63 36.71
N ASP A 329 -13.65 7.89 37.34
CA ASP A 329 -14.13 9.26 37.51
C ASP A 329 -13.37 10.06 38.56
N GLU A 330 -12.33 9.52 39.16
CA GLU A 330 -11.80 10.05 40.40
C GLU A 330 -10.48 10.78 40.25
N TYR A 331 -10.02 11.05 39.04
CA TYR A 331 -8.66 11.54 38.85
C TYR A 331 -8.65 12.84 38.07
N SER A 332 -7.44 13.24 37.66
CA SER A 332 -7.18 14.58 37.17
C SER A 332 -7.70 14.75 35.74
N SER A 333 -8.63 15.70 35.57
CA SER A 333 -9.15 16.01 34.25
C SER A 333 -8.13 16.75 33.39
N ALA A 334 -7.22 17.50 34.03
CA ALA A 334 -6.15 18.12 33.27
C ALA A 334 -5.10 17.12 32.84
N GLY A 335 -4.89 16.07 33.63
CA GLY A 335 -3.81 15.16 33.36
C GLY A 335 -4.22 13.92 32.58
N ILE A 336 -5.33 13.98 31.88
CA ILE A 336 -5.77 12.90 31.00
C ILE A 336 -5.85 13.44 29.58
N PHE A 337 -5.48 12.61 28.61
CA PHE A 337 -5.31 13.07 27.24
C PHE A 337 -5.75 12.00 26.26
N VAL A 338 -6.42 12.43 25.20
CA VAL A 338 -6.68 11.60 24.03
C VAL A 338 -6.14 12.33 22.80
N LYS A 339 -5.69 11.56 21.84
CA LYS A 339 -4.98 12.13 20.71
C LYS A 339 -5.95 12.67 19.66
N ASN A 340 -5.40 13.05 18.51
CA ASN A 340 -6.18 13.41 17.34
C ASN A 340 -6.33 12.20 16.43
N GLY A 341 -7.28 12.28 15.51
CA GLY A 341 -7.47 11.26 14.53
C GLY A 341 -8.87 11.28 13.99
N PRO A 342 -9.32 10.15 13.44
CA PRO A 342 -10.75 10.04 13.11
C PRO A 342 -11.60 9.67 14.31
N ALA A 343 -10.98 9.13 15.35
CA ALA A 343 -11.74 8.64 16.49
C ALA A 343 -12.33 9.77 17.31
N ILE A 344 -11.78 10.98 17.20
CA ILE A 344 -12.40 12.08 17.90
C ILE A 344 -13.70 12.47 17.23
N SER A 345 -13.78 12.37 15.91
CA SER A 345 -15.05 12.55 15.23
C SER A 345 -16.00 11.41 15.54
N THR A 346 -15.44 10.21 15.69
CA THR A 346 -16.24 9.07 16.12
C THR A 346 -16.86 9.32 17.47
N ILE A 347 -16.05 9.83 18.41
CA ILE A 347 -16.59 10.08 19.74
C ILE A 347 -17.45 11.33 19.77
N SER A 348 -17.31 12.23 18.79
CA SER A 348 -18.28 13.29 18.61
C SER A 348 -19.64 12.72 18.29
N LYS A 349 -19.66 11.75 17.37
CA LYS A 349 -20.90 11.04 17.04
C LYS A 349 -21.44 10.28 18.24
N ASP A 350 -20.55 9.72 19.06
CA ASP A 350 -21.03 8.94 20.21
C ASP A 350 -21.59 9.84 21.31
N ILE A 351 -20.88 10.91 21.64
CA ILE A 351 -21.33 11.75 22.74
C ILE A 351 -22.51 12.61 22.33
N PHE A 352 -22.36 13.38 21.25
CA PHE A 352 -23.37 14.39 20.97
C PHE A 352 -24.28 14.06 19.81
N GLY A 353 -23.88 13.16 18.91
CA GLY A 353 -24.83 12.65 17.96
C GLY A 353 -24.47 12.80 16.50
N GLU A 354 -23.60 13.75 16.18
CA GLU A 354 -23.25 13.98 14.79
C GLU A 354 -21.73 14.10 14.67
N TRP A 355 -21.29 14.28 13.43
CA TRP A 355 -19.95 13.86 13.06
C TRP A 355 -18.90 14.89 13.44
N ASN A 356 -19.01 16.11 12.92
CA ASN A 356 -17.93 17.09 13.00
C ASN A 356 -18.21 18.16 14.04
N VAL A 357 -18.84 17.79 15.16
CA VAL A 357 -19.38 18.76 16.10
C VAL A 357 -18.30 19.44 16.92
N ILE A 358 -17.41 18.65 17.53
CA ILE A 358 -16.28 19.22 18.24
C ILE A 358 -15.33 19.92 17.28
N ARG A 359 -15.31 19.47 16.03
CA ARG A 359 -14.51 20.12 14.99
C ARG A 359 -14.98 21.55 14.76
N ASP A 360 -16.27 21.76 14.50
CA ASP A 360 -16.67 23.14 14.27
C ASP A 360 -16.83 23.92 15.57
N LYS A 361 -16.90 23.24 16.72
CA LYS A 361 -16.77 23.97 17.99
C LYS A 361 -15.38 24.56 18.13
N TRP A 362 -14.36 23.78 17.76
CA TRP A 362 -13.00 24.29 17.77
C TRP A 362 -12.81 25.38 16.74
N ASN A 363 -13.49 25.26 15.59
CA ASN A 363 -13.42 26.35 14.62
C ASN A 363 -14.14 27.58 15.15
N ALA A 364 -15.22 27.41 15.91
CA ALA A 364 -15.93 28.53 16.49
C ALA A 364 -15.08 29.26 17.52
N GLU A 365 -14.24 28.54 18.24
CA GLU A 365 -13.32 29.23 19.13
C GLU A 365 -12.14 29.82 18.37
N TYR A 366 -11.54 29.03 17.47
CA TYR A 366 -10.31 29.43 16.81
C TYR A 366 -10.53 30.59 15.85
N ASP A 367 -11.72 30.72 15.28
CA ASP A 367 -11.98 31.84 14.40
C ASP A 367 -12.44 33.07 15.17
N ASP A 368 -12.97 32.89 16.39
CA ASP A 368 -13.05 34.02 17.31
C ASP A 368 -11.66 34.53 17.65
N ILE A 369 -10.69 33.63 17.77
CA ILE A 369 -9.32 34.04 18.07
C ILE A 369 -8.68 34.73 16.86
N HIS A 370 -8.55 34.00 15.76
CA HIS A 370 -7.79 34.48 14.61
C HIS A 370 -8.61 35.33 13.65
N LEU A 371 -9.85 34.96 13.38
CA LEU A 371 -10.73 35.76 12.54
C LEU A 371 -11.08 37.03 13.30
N LYS A 372 -10.97 38.16 12.62
CA LYS A 372 -11.36 39.45 13.18
C LYS A 372 -12.81 39.71 12.85
N LYS A 373 -13.26 40.97 12.99
CA LYS A 373 -14.62 41.36 12.67
C LYS A 373 -14.95 41.29 11.17
N LYS A 374 -13.96 41.01 10.31
CA LYS A 374 -14.19 40.76 8.89
C LYS A 374 -15.08 39.54 8.71
N ALA A 375 -16.02 39.61 7.78
CA ALA A 375 -16.99 38.54 7.60
C ALA A 375 -16.44 37.37 6.79
N VAL A 376 -15.63 37.63 5.77
CA VAL A 376 -15.25 36.59 4.84
C VAL A 376 -14.11 35.74 5.43
N VAL A 377 -14.16 34.44 5.16
CA VAL A 377 -13.09 33.52 5.51
C VAL A 377 -12.41 33.10 4.22
N THR A 378 -11.11 33.35 4.13
CA THR A 378 -10.36 33.06 2.92
C THR A 378 -9.98 31.58 2.87
N GLU A 379 -9.56 31.15 1.67
CA GLU A 379 -9.12 29.78 1.48
C GLU A 379 -7.85 29.48 2.28
N LYS A 380 -6.96 30.46 2.40
CA LYS A 380 -5.75 30.28 3.18
C LYS A 380 -6.09 30.17 4.65
N TYR A 381 -7.10 30.93 5.09
CA TYR A 381 -7.64 30.79 6.43
C TYR A 381 -8.19 29.39 6.64
N GLU A 382 -8.90 28.85 5.64
CA GLU A 382 -9.49 27.53 5.75
C GLU A 382 -8.42 26.44 5.86
N ASP A 383 -7.43 26.47 4.96
CA ASP A 383 -6.45 25.39 4.94
C ASP A 383 -5.51 25.49 6.14
N ASP A 384 -5.14 26.70 6.55
CA ASP A 384 -4.31 26.85 7.73
C ASP A 384 -5.09 26.53 9.00
N ARG A 385 -6.40 26.73 8.98
CA ARG A 385 -7.22 26.32 10.11
C ARG A 385 -7.26 24.80 10.22
N ARG A 386 -7.39 24.11 9.08
CA ARG A 386 -7.31 22.66 9.10
C ARG A 386 -5.91 22.19 9.49
N LYS A 387 -4.88 22.93 9.07
CA LYS A 387 -3.51 22.59 9.45
C LYS A 387 -3.29 22.72 10.94
N SER A 388 -3.86 23.76 11.55
CA SER A 388 -3.80 23.91 13.00
C SER A 388 -4.59 22.83 13.70
N PHE A 389 -5.73 22.45 13.13
CA PHE A 389 -6.54 21.36 13.66
C PHE A 389 -5.77 20.05 13.65
N LYS A 390 -4.97 19.83 12.61
CA LYS A 390 -4.11 18.65 12.59
C LYS A 390 -2.92 18.82 13.53
N LYS A 391 -2.43 20.05 13.68
CA LYS A 391 -1.23 20.28 14.47
C LYS A 391 -1.50 20.08 15.95
N ILE A 392 -2.71 20.37 16.41
CA ILE A 392 -3.08 20.03 17.78
C ILE A 392 -3.41 18.54 17.76
N GLY A 393 -2.40 17.72 17.99
CA GLY A 393 -2.55 16.29 17.86
C GLY A 393 -3.11 15.57 19.04
N SER A 394 -3.43 16.29 20.13
CA SER A 394 -3.85 15.65 21.36
C SER A 394 -4.56 16.68 22.21
N PHE A 395 -5.47 16.20 23.06
CA PHE A 395 -6.40 17.06 23.77
C PHE A 395 -6.61 16.56 25.19
N SER A 396 -6.50 17.47 26.15
CA SER A 396 -7.04 17.18 27.47
C SER A 396 -8.56 17.26 27.41
N LEU A 397 -9.20 16.77 28.47
CA LEU A 397 -10.65 16.68 28.46
C LEU A 397 -11.32 18.01 28.74
N GLU A 398 -10.55 19.03 29.13
CA GLU A 398 -11.15 20.23 29.70
C GLU A 398 -11.69 21.16 28.62
N GLN A 399 -10.94 21.32 27.52
CA GLN A 399 -11.49 22.07 26.39
C GLN A 399 -12.61 21.31 25.72
N LEU A 400 -12.63 19.99 25.88
CA LEU A 400 -13.73 19.20 25.37
C LEU A 400 -14.99 19.38 26.23
N GLN A 401 -14.81 19.53 27.54
CA GLN A 401 -15.93 19.90 28.40
C GLN A 401 -16.38 21.32 28.10
N GLU A 402 -15.46 22.19 27.69
CA GLU A 402 -15.82 23.55 27.32
C GLU A 402 -16.66 23.57 26.06
N TYR A 403 -16.26 22.80 25.05
CA TYR A 403 -17.07 22.66 23.85
C TYR A 403 -18.36 21.90 24.11
N ALA A 404 -18.38 21.06 25.13
CA ALA A 404 -19.61 20.47 25.61
C ALA A 404 -20.48 21.54 26.25
N ASP A 405 -21.78 21.30 26.24
CA ASP A 405 -22.68 22.22 26.91
C ASP A 405 -22.73 21.89 28.40
N ALA A 406 -23.62 22.58 29.12
CA ALA A 406 -23.65 22.48 30.57
C ALA A 406 -24.22 21.13 31.02
N ASP A 407 -23.80 20.73 32.23
CA ASP A 407 -24.27 19.53 32.92
C ASP A 407 -23.97 18.25 32.14
N LEU A 408 -22.79 18.16 31.55
CA LEU A 408 -22.42 17.03 30.70
C LEU A 408 -21.09 16.46 31.17
N SER A 409 -21.14 15.46 32.05
CA SER A 409 -19.95 14.72 32.45
C SER A 409 -19.62 13.74 31.33
N VAL A 410 -18.81 14.21 30.37
CA VAL A 410 -18.50 13.40 29.22
C VAL A 410 -17.60 12.23 29.61
N VAL A 411 -16.87 12.36 30.72
CA VAL A 411 -16.13 11.23 31.25
C VAL A 411 -17.08 10.14 31.72
N GLU A 412 -18.19 10.53 32.34
CA GLU A 412 -19.22 9.56 32.71
C GLU A 412 -19.89 8.99 31.48
N LYS A 413 -20.02 9.81 30.43
CA LYS A 413 -20.61 9.35 29.18
C LYS A 413 -19.77 8.25 28.54
N LEU A 414 -18.48 8.51 28.35
CA LEU A 414 -17.59 7.51 27.76
C LEU A 414 -17.43 6.31 28.67
N LYS A 415 -17.51 6.54 29.99
CA LYS A 415 -17.52 5.44 30.94
C LYS A 415 -18.71 4.52 30.72
N GLU A 416 -19.89 5.09 30.49
CA GLU A 416 -21.04 4.25 30.21
C GLU A 416 -20.94 3.59 28.86
N ILE A 417 -20.27 4.22 27.89
CA ILE A 417 -20.08 3.60 26.58
C ILE A 417 -19.19 2.37 26.68
N ILE A 418 -18.08 2.47 27.42
CA ILE A 418 -17.26 1.27 27.53
C ILE A 418 -17.88 0.28 28.50
N ILE A 419 -18.76 0.73 29.38
CA ILE A 419 -19.53 -0.18 30.23
C ILE A 419 -20.45 -1.04 29.37
N GLN A 420 -21.17 -0.44 28.42
CA GLN A 420 -22.02 -1.27 27.59
C GLN A 420 -21.21 -2.06 26.57
N LYS A 421 -20.01 -1.59 26.24
CA LYS A 421 -19.13 -2.36 25.36
C LYS A 421 -18.64 -3.63 26.03
N VAL A 422 -18.20 -3.53 27.29
CA VAL A 422 -17.80 -4.74 27.99
C VAL A 422 -19.03 -5.56 28.38
N ASP A 423 -20.21 -4.94 28.45
CA ASP A 423 -21.44 -5.73 28.61
C ASP A 423 -21.71 -6.60 27.39
N GLU A 424 -21.52 -6.06 26.19
CA GLU A 424 -21.68 -6.89 24.99
C GLU A 424 -20.56 -7.91 24.88
N ILE A 425 -19.39 -7.59 25.40
CA ILE A 425 -18.30 -8.56 25.51
C ILE A 425 -18.69 -9.69 26.44
N TYR A 426 -19.32 -9.35 27.55
CA TYR A 426 -19.86 -10.35 28.47
C TYR A 426 -20.95 -11.17 27.80
N LYS A 427 -21.73 -10.53 26.93
CA LYS A 427 -22.80 -11.23 26.21
C LYS A 427 -22.23 -12.25 25.24
N VAL A 428 -21.18 -11.87 24.49
CA VAL A 428 -20.62 -12.82 23.53
C VAL A 428 -19.87 -13.91 24.28
N TYR A 429 -19.35 -13.60 25.47
CA TYR A 429 -18.79 -14.63 26.35
C TYR A 429 -19.85 -15.63 26.78
N GLY A 430 -20.95 -15.14 27.34
CA GLY A 430 -22.00 -16.00 27.85
C GLY A 430 -22.76 -16.74 26.78
N SER A 431 -22.66 -16.30 25.53
CA SER A 431 -23.23 -17.07 24.44
C SER A 431 -22.22 -17.96 23.74
N SER A 432 -20.92 -17.78 24.00
CA SER A 432 -19.91 -18.42 23.17
C SER A 432 -18.92 -19.29 23.94
N GLU A 433 -19.03 -19.36 25.26
CA GLU A 433 -18.06 -20.11 26.06
C GLU A 433 -18.10 -21.62 25.86
N LYS A 434 -19.09 -22.14 25.10
CA LYS A 434 -19.26 -23.59 24.94
C LYS A 434 -18.11 -24.24 24.21
N LEU A 435 -17.40 -23.48 23.37
CA LEU A 435 -16.22 -24.04 22.73
C LEU A 435 -15.06 -24.20 23.69
N PHE A 436 -15.06 -23.46 24.79
CA PHE A 436 -14.00 -23.52 25.78
C PHE A 436 -14.14 -24.71 26.71
N ASP A 437 -15.17 -25.52 26.53
CA ASP A 437 -15.23 -26.82 27.18
C ASP A 437 -14.11 -27.68 26.62
N ALA A 438 -13.08 -27.92 27.44
CA ALA A 438 -11.91 -28.67 26.99
C ALA A 438 -12.26 -30.13 26.70
N ASP A 439 -13.26 -30.67 27.40
CA ASP A 439 -13.79 -31.99 27.08
C ASP A 439 -14.59 -32.01 25.78
N PHE A 440 -15.11 -30.87 25.33
CA PHE A 440 -15.80 -30.82 24.05
C PHE A 440 -14.78 -30.84 22.92
N VAL A 441 -15.08 -31.61 21.89
CA VAL A 441 -14.16 -31.85 20.79
C VAL A 441 -14.73 -31.21 19.52
N LEU A 442 -13.84 -30.72 18.67
CA LEU A 442 -14.21 -30.26 17.34
C LEU A 442 -14.59 -31.47 16.49
N GLU A 443 -15.74 -31.40 15.85
CA GLU A 443 -16.30 -32.56 15.16
C GLU A 443 -16.02 -32.54 13.66
N LYS A 444 -16.07 -31.36 13.05
CA LYS A 444 -15.96 -31.24 11.60
C LYS A 444 -14.78 -30.34 11.25
N SER A 445 -14.66 -29.99 9.97
CA SER A 445 -13.55 -29.16 9.55
C SER A 445 -13.83 -27.70 9.91
N LEU A 446 -12.80 -26.87 9.74
CA LEU A 446 -13.00 -25.43 9.85
C LEU A 446 -13.87 -24.91 8.71
N LYS A 447 -13.76 -25.53 7.53
CA LYS A 447 -14.58 -25.17 6.39
C LYS A 447 -15.98 -25.75 6.49
N LYS A 448 -16.22 -26.64 7.45
CA LYS A 448 -17.55 -27.18 7.70
C LYS A 448 -18.26 -26.49 8.86
N ASN A 449 -17.62 -26.37 10.01
CA ASN A 449 -18.24 -25.78 11.20
C ASN A 449 -18.12 -24.27 11.23
N ASP A 450 -18.53 -23.67 10.11
CA ASP A 450 -18.39 -22.23 9.89
C ASP A 450 -19.24 -21.42 10.84
N ALA A 451 -20.27 -22.01 11.45
CA ALA A 451 -21.05 -21.34 12.48
C ALA A 451 -20.18 -20.96 13.66
N VAL A 452 -19.52 -21.94 14.28
CA VAL A 452 -18.70 -21.63 15.44
C VAL A 452 -17.40 -20.94 15.02
N VAL A 453 -16.94 -21.16 13.78
CA VAL A 453 -15.86 -20.33 13.24
C VAL A 453 -16.25 -18.86 13.25
N ALA A 454 -17.46 -18.56 12.77
CA ALA A 454 -17.93 -17.19 12.78
C ALA A 454 -18.21 -16.69 14.19
N ILE A 455 -18.55 -17.59 15.11
CA ILE A 455 -18.72 -17.20 16.51
C ILE A 455 -17.40 -16.71 17.08
N MET A 456 -16.34 -17.46 16.84
CA MET A 456 -14.97 -17.11 17.21
C MET A 456 -14.56 -15.79 16.57
N LYS A 457 -15.02 -15.62 15.34
CA LYS A 457 -14.83 -14.36 14.63
C LYS A 457 -15.54 -13.21 15.33
N ASP A 458 -16.75 -13.45 15.86
CA ASP A 458 -17.46 -12.41 16.61
C ASP A 458 -16.71 -12.03 17.87
N LEU A 459 -16.09 -13.02 18.53
CA LEU A 459 -15.25 -12.73 19.68
C LEU A 459 -14.12 -11.80 19.31
N LEU A 460 -13.39 -12.16 18.26
CA LEU A 460 -12.23 -11.37 17.88
C LEU A 460 -12.61 -9.99 17.39
N ASP A 461 -13.71 -9.85 16.67
CA ASP A 461 -14.08 -8.51 16.22
C ASP A 461 -14.64 -7.68 17.36
N SER A 462 -15.25 -8.31 18.37
CA SER A 462 -15.65 -7.58 19.56
C SER A 462 -14.43 -7.00 20.27
N VAL A 463 -13.39 -7.82 20.40
CA VAL A 463 -12.15 -7.35 21.01
C VAL A 463 -11.51 -6.26 20.16
N LYS A 464 -11.56 -6.43 18.84
CA LYS A 464 -10.94 -5.46 17.93
C LYS A 464 -11.67 -4.13 17.97
N SER A 465 -12.99 -4.17 18.02
CA SER A 465 -13.77 -2.95 18.12
C SER A 465 -13.50 -2.25 19.43
N PHE A 466 -13.31 -3.03 20.50
CA PHE A 466 -12.97 -2.41 21.78
C PHE A 466 -11.59 -1.77 21.74
N GLU A 467 -10.62 -2.43 21.11
CA GLU A 467 -9.29 -1.84 21.16
C GLU A 467 -9.19 -0.64 20.23
N ASN A 468 -9.94 -0.63 19.14
CA ASN A 468 -9.94 0.58 18.33
C ASN A 468 -10.71 1.69 18.99
N TYR A 469 -11.74 1.36 19.78
CA TYR A 469 -12.45 2.41 20.49
C TYR A 469 -11.59 3.00 21.59
N ILE A 470 -10.94 2.14 22.38
CA ILE A 470 -10.06 2.61 23.43
C ILE A 470 -8.71 3.07 22.91
N LYS A 471 -8.47 2.91 21.60
CA LYS A 471 -7.18 3.24 21.01
C LYS A 471 -6.90 4.74 21.02
N ALA A 472 -7.95 5.56 21.16
CA ALA A 472 -7.75 6.99 21.30
C ALA A 472 -7.21 7.37 22.67
N PHE A 473 -7.25 6.47 23.65
CA PHE A 473 -7.01 6.85 25.03
C PHE A 473 -5.52 6.89 25.35
N PHE A 474 -4.73 7.51 24.50
CA PHE A 474 -3.30 7.60 24.72
C PHE A 474 -2.78 9.02 24.75
N GLY A 475 -3.14 9.83 23.76
CA GLY A 475 -2.64 11.18 23.66
C GLY A 475 -1.25 11.31 23.07
N GLU A 476 -0.56 10.19 22.80
CA GLU A 476 0.80 10.05 22.23
C GLU A 476 1.81 11.05 22.78
N GLY A 477 1.75 11.33 24.07
CA GLY A 477 2.60 12.34 24.66
C GLY A 477 3.86 11.75 25.28
N LYS A 478 4.94 12.55 25.41
CA LYS A 478 5.27 13.93 24.92
C LYS A 478 4.31 15.09 25.25
N GLU A 479 4.07 15.31 26.54
CA GLU A 479 3.04 16.25 26.95
C GLU A 479 3.47 16.98 28.22
N THR A 480 2.52 17.69 28.80
CA THR A 480 2.66 18.35 30.08
C THR A 480 2.41 17.37 31.22
N ASN A 481 2.13 17.89 32.41
CA ASN A 481 1.74 17.08 33.55
C ASN A 481 0.52 16.22 33.23
N ARG A 482 0.52 15.00 33.77
CA ARG A 482 -0.36 13.95 33.29
C ARG A 482 -0.59 12.92 34.39
N ASP A 483 -1.80 12.34 34.40
CA ASP A 483 -2.17 11.33 35.39
C ASP A 483 -1.48 10.02 35.05
N GLU A 484 -0.20 9.96 35.39
CA GLU A 484 0.58 8.77 35.09
C GLU A 484 0.27 7.62 36.02
N SER A 485 -0.35 7.92 37.17
CA SER A 485 -0.97 6.89 37.99
C SER A 485 -2.00 6.10 37.20
N PHE A 486 -2.77 6.79 36.36
CA PHE A 486 -3.59 6.09 35.39
C PHE A 486 -2.75 5.45 34.30
N TYR A 487 -1.85 6.23 33.69
CA TYR A 487 -1.30 5.87 32.38
C TYR A 487 -0.36 4.68 32.45
N GLY A 488 0.29 4.47 33.59
CA GLY A 488 1.18 3.33 33.73
C GLY A 488 0.42 2.01 33.74
N ASP A 489 -0.62 1.91 34.57
CA ASP A 489 -1.47 0.74 34.54
C ASP A 489 -2.25 0.62 33.24
N PHE A 490 -2.52 1.76 32.59
CA PHE A 490 -3.17 1.76 31.28
C PHE A 490 -2.30 1.05 30.25
N VAL A 491 -1.03 1.44 30.16
CA VAL A 491 -0.17 0.81 29.17
C VAL A 491 0.20 -0.60 29.63
N LEU A 492 0.13 -0.86 30.94
CA LEU A 492 0.33 -2.20 31.46
C LEU A 492 -0.76 -3.15 30.99
N ALA A 493 -2.01 -2.69 30.98
CA ALA A 493 -3.07 -3.50 30.39
C ALA A 493 -2.96 -3.54 28.87
N TYR A 494 -2.50 -2.44 28.26
CA TYR A 494 -2.52 -2.35 26.82
C TYR A 494 -1.46 -3.23 26.17
N ASP A 495 -0.34 -3.46 26.84
CA ASP A 495 0.68 -4.31 26.23
C ASP A 495 0.21 -5.76 26.12
N ILE A 496 -0.55 -6.23 27.10
CA ILE A 496 -1.19 -7.53 26.99
C ILE A 496 -2.27 -7.47 25.92
N LEU A 497 -3.09 -6.43 25.93
CA LEU A 497 -4.25 -6.42 25.07
C LEU A 497 -3.99 -5.85 23.69
N LEU A 498 -2.74 -5.65 23.29
CA LEU A 498 -2.53 -5.20 21.92
C LEU A 498 -2.29 -6.34 20.96
N LYS A 499 -1.49 -7.36 21.32
CA LYS A 499 -1.11 -8.47 20.43
C LYS A 499 -2.28 -9.37 20.01
N VAL A 500 -3.47 -9.07 20.51
CA VAL A 500 -4.70 -9.61 20.01
C VAL A 500 -4.87 -9.38 18.51
N ASP A 501 -4.26 -8.34 17.95
CA ASP A 501 -4.29 -8.15 16.51
C ASP A 501 -3.45 -9.19 15.79
N HIS A 502 -2.29 -9.52 16.36
CA HIS A 502 -1.44 -10.58 15.81
C HIS A 502 -2.17 -11.91 15.84
N ILE A 503 -2.84 -12.18 16.96
CA ILE A 503 -3.70 -13.36 17.05
C ILE A 503 -4.82 -13.28 16.02
N TYR A 504 -5.37 -12.09 15.85
CA TYR A 504 -6.52 -11.87 14.99
C TYR A 504 -6.19 -12.16 13.54
N ASP A 505 -5.14 -11.56 13.02
CA ASP A 505 -4.88 -11.79 11.62
C ASP A 505 -4.19 -13.12 11.37
N ALA A 506 -3.57 -13.72 12.41
CA ALA A 506 -3.11 -15.10 12.27
C ALA A 506 -4.27 -16.05 12.03
N ILE A 507 -5.29 -15.97 12.88
CA ILE A 507 -6.42 -16.87 12.69
C ILE A 507 -7.29 -16.43 11.53
N ARG A 508 -7.24 -15.15 11.15
CA ARG A 508 -7.88 -14.72 9.92
C ARG A 508 -7.18 -15.32 8.72
N ASN A 509 -5.86 -15.46 8.78
CA ASN A 509 -5.12 -16.11 7.72
C ASN A 509 -5.48 -17.58 7.62
N TYR A 510 -5.58 -18.26 8.77
CA TYR A 510 -5.97 -19.66 8.75
C TYR A 510 -7.42 -19.83 8.35
N VAL A 511 -8.22 -18.78 8.50
CA VAL A 511 -9.54 -18.79 7.88
C VAL A 511 -9.40 -18.70 6.37
N THR A 512 -8.66 -17.71 5.88
CA THR A 512 -8.76 -17.28 4.50
C THR A 512 -7.89 -18.08 3.55
N GLN A 513 -7.08 -19.01 4.07
CA GLN A 513 -6.19 -19.77 3.21
C GLN A 513 -6.94 -20.62 2.20
N LYS A 514 -6.31 -20.83 1.06
CA LYS A 514 -6.88 -21.59 -0.03
C LYS A 514 -6.95 -23.07 0.33
N PRO A 515 -7.67 -23.88 -0.44
CA PRO A 515 -7.57 -25.34 -0.28
C PRO A 515 -6.20 -25.91 -0.61
N TYR A 516 -5.30 -25.15 -1.18
CA TYR A 516 -3.97 -25.57 -1.54
C TYR A 516 -2.97 -24.61 -0.89
N SER A 517 -1.70 -24.74 -1.28
CA SER A 517 -0.69 -23.79 -0.85
C SER A 517 0.36 -23.62 -1.92
N LYS A 518 1.12 -22.54 -1.80
CA LYS A 518 2.18 -22.20 -2.75
C LYS A 518 3.55 -22.53 -2.19
N ASP A 519 3.63 -23.60 -1.41
CA ASP A 519 4.89 -23.97 -0.79
C ASP A 519 5.84 -24.56 -1.83
N LYS A 520 7.10 -24.16 -1.74
CA LYS A 520 8.06 -24.39 -2.81
C LYS A 520 9.45 -24.32 -2.22
N PHE A 521 10.37 -25.06 -2.83
CA PHE A 521 11.73 -25.07 -2.29
C PHE A 521 12.71 -25.21 -3.45
N LYS A 522 13.69 -24.32 -3.46
CA LYS A 522 14.68 -24.27 -4.53
C LYS A 522 15.59 -25.48 -4.48
N LEU A 523 16.11 -25.87 -5.64
CA LEU A 523 16.95 -27.04 -5.78
C LEU A 523 18.28 -26.62 -6.37
N TYR A 524 19.36 -27.18 -5.84
CA TYR A 524 20.69 -26.72 -6.18
C TYR A 524 21.55 -27.76 -6.86
N PHE A 525 21.27 -29.04 -6.59
CA PHE A 525 21.98 -30.20 -7.17
C PHE A 525 23.47 -30.14 -6.90
N GLN A 526 23.81 -29.88 -5.63
CA GLN A 526 25.19 -29.74 -5.14
C GLN A 526 25.95 -28.64 -5.89
N ASN A 527 25.25 -27.56 -6.21
CA ASN A 527 25.91 -26.51 -6.94
C ASN A 527 25.54 -25.14 -6.37
N PRO A 528 26.48 -24.48 -5.69
CA PRO A 528 26.26 -23.06 -5.35
C PRO A 528 26.57 -22.13 -6.50
N GLN A 529 27.22 -22.60 -7.56
CA GLN A 529 27.50 -21.82 -8.75
C GLN A 529 26.43 -21.96 -9.81
N PHE A 530 25.22 -22.32 -9.36
CA PHE A 530 24.14 -22.75 -10.27
C PHE A 530 23.16 -21.65 -10.70
N MET A 531 22.95 -21.58 -12.01
CA MET A 531 21.97 -20.69 -12.69
C MET A 531 22.27 -19.21 -12.44
N GLY A 532 23.54 -18.82 -12.23
CA GLY A 532 23.70 -17.39 -12.04
C GLY A 532 23.98 -16.69 -13.36
N GLY A 533 25.17 -16.93 -13.92
CA GLY A 533 25.47 -16.54 -15.27
C GLY A 533 24.82 -17.52 -16.21
N TRP A 534 24.49 -17.07 -17.44
CA TRP A 534 23.82 -18.00 -18.39
C TRP A 534 24.52 -18.09 -19.75
N ASP A 535 24.63 -16.97 -20.47
CA ASP A 535 25.16 -16.92 -21.86
C ASP A 535 26.62 -17.34 -22.00
N LYS A 536 27.50 -16.95 -21.07
CA LYS A 536 28.95 -17.23 -21.20
C LYS A 536 29.27 -18.73 -21.12
N ASP A 537 30.29 -19.16 -21.88
CA ASP A 537 30.77 -20.54 -21.87
C ASP A 537 31.38 -20.84 -20.50
N LYS A 538 30.51 -21.00 -19.52
CA LYS A 538 30.88 -21.35 -18.16
C LYS A 538 29.83 -22.32 -17.62
N GLU A 539 29.21 -23.09 -18.51
CA GLU A 539 28.20 -24.06 -18.12
C GLU A 539 28.81 -25.32 -17.53
N THR A 540 30.13 -25.43 -17.46
CA THR A 540 30.73 -26.42 -16.57
C THR A 540 30.49 -26.08 -15.11
N ASP A 541 30.21 -24.82 -14.81
CA ASP A 541 29.81 -24.37 -13.47
C ASP A 541 28.33 -24.08 -13.36
N TYR A 542 27.74 -23.48 -14.40
CA TYR A 542 26.33 -23.14 -14.36
C TYR A 542 25.46 -24.36 -14.67
N ARG A 543 25.86 -25.15 -15.65
CA ARG A 543 25.41 -26.54 -15.87
C ARG A 543 23.94 -26.61 -16.29
N ALA A 544 23.46 -25.59 -17.00
CA ALA A 544 22.10 -25.58 -17.50
C ALA A 544 22.03 -24.71 -18.74
N THR A 545 21.12 -25.06 -19.66
CA THR A 545 21.03 -24.40 -20.95
C THR A 545 19.65 -24.60 -21.53
N ILE A 546 19.04 -23.51 -21.99
CA ILE A 546 17.75 -23.58 -22.68
C ILE A 546 17.94 -24.25 -24.02
N LEU A 547 17.01 -25.15 -24.37
CA LEU A 547 17.09 -25.93 -25.58
C LEU A 547 15.78 -25.74 -26.34
N ARG A 548 15.80 -25.93 -27.66
CA ARG A 548 14.57 -25.84 -28.43
C ARG A 548 14.57 -26.85 -29.55
N TYR A 549 13.37 -27.36 -29.86
CA TYR A 549 13.13 -28.12 -31.07
C TYR A 549 11.84 -27.63 -31.70
N GLY A 550 11.87 -27.37 -33.00
CA GLY A 550 10.70 -26.90 -33.71
C GLY A 550 10.33 -25.49 -33.29
N SER A 551 9.28 -25.38 -32.51
CA SER A 551 8.99 -24.19 -31.75
C SER A 551 8.86 -24.49 -30.26
N LYS A 552 9.21 -25.69 -29.85
CA LYS A 552 9.03 -26.15 -28.48
C LYS A 552 10.35 -26.02 -27.72
N TYR A 553 10.30 -25.33 -26.58
CA TYR A 553 11.48 -24.92 -25.84
C TYR A 553 11.69 -25.78 -24.60
N TYR A 554 12.94 -26.07 -24.30
CA TYR A 554 13.28 -27.05 -23.28
C TYR A 554 14.40 -26.51 -22.41
N LEU A 555 14.62 -27.17 -21.27
CA LEU A 555 15.76 -26.90 -20.40
C LEU A 555 16.54 -28.19 -20.17
N ALA A 556 17.84 -28.13 -20.43
CA ALA A 556 18.75 -29.24 -20.21
C ALA A 556 19.73 -28.90 -19.11
N ILE A 557 19.93 -29.85 -18.19
CA ILE A 557 20.80 -29.68 -17.04
C ILE A 557 21.77 -30.85 -17.03
N MET A 558 23.02 -30.57 -16.63
CA MET A 558 24.13 -31.55 -16.74
C MET A 558 24.67 -31.87 -15.35
N ASP A 559 25.25 -33.08 -15.20
CA ASP A 559 25.84 -33.52 -13.95
C ASP A 559 27.26 -32.94 -13.82
N LYS A 560 27.81 -33.06 -12.61
CA LYS A 560 29.20 -32.65 -12.38
C LYS A 560 30.17 -33.56 -13.11
N LYS A 561 29.85 -34.86 -13.20
CA LYS A 561 30.70 -35.79 -13.93
C LYS A 561 30.60 -35.59 -15.43
N TYR A 562 29.54 -34.98 -15.92
CA TYR A 562 29.33 -34.74 -17.34
C TYR A 562 29.03 -33.28 -17.58
N ALA A 563 29.85 -32.42 -16.97
CA ALA A 563 29.69 -30.97 -17.13
C ALA A 563 30.01 -30.52 -18.54
N LYS A 564 30.99 -31.15 -19.17
CA LYS A 564 31.33 -30.88 -20.56
C LYS A 564 30.74 -31.89 -21.51
N CYS A 565 29.51 -32.35 -21.23
CA CYS A 565 28.82 -33.25 -22.14
C CYS A 565 28.47 -32.54 -23.45
N LEU A 566 28.25 -31.23 -23.39
CA LEU A 566 27.81 -30.46 -24.54
C LEU A 566 28.94 -30.11 -25.50
N GLN A 567 30.15 -30.66 -25.32
CA GLN A 567 31.21 -30.40 -26.30
C GLN A 567 31.05 -31.28 -27.54
N LYS A 568 30.70 -32.54 -27.35
CA LYS A 568 30.68 -33.52 -28.43
C LYS A 568 29.33 -33.55 -29.15
N ILE A 569 28.85 -32.39 -29.57
CA ILE A 569 27.54 -32.26 -30.20
C ILE A 569 27.73 -31.79 -31.63
N ASP A 570 26.97 -32.38 -32.54
CA ASP A 570 27.01 -32.07 -33.97
C ASP A 570 25.60 -31.78 -34.47
N LYS A 571 25.52 -31.21 -35.67
CA LYS A 571 24.25 -31.20 -36.40
C LYS A 571 24.01 -32.54 -37.08
N ASP A 572 24.95 -32.94 -37.95
CA ASP A 572 25.21 -34.26 -38.55
C ASP A 572 24.06 -34.85 -39.38
N ASP A 573 22.96 -34.12 -39.53
CA ASP A 573 21.91 -34.40 -40.53
C ASP A 573 21.26 -35.78 -40.37
N VAL A 574 20.84 -36.11 -39.16
CA VAL A 574 20.28 -37.42 -38.87
C VAL A 574 18.76 -37.32 -38.84
N ASN A 575 18.25 -36.16 -39.30
CA ASN A 575 16.86 -35.74 -39.15
C ASN A 575 16.43 -35.74 -37.68
N GLY A 576 17.37 -35.37 -36.82
CA GLY A 576 17.10 -35.03 -35.45
C GLY A 576 18.06 -33.94 -35.05
N ASN A 577 17.54 -32.80 -34.61
CA ASN A 577 18.38 -31.63 -34.40
C ASN A 577 17.79 -30.77 -33.30
N TYR A 578 18.66 -30.23 -32.45
CA TYR A 578 18.25 -29.37 -31.35
C TYR A 578 18.91 -28.00 -31.47
N GLU A 579 18.51 -27.10 -30.58
CA GLU A 579 18.93 -25.70 -30.63
C GLU A 579 19.50 -25.27 -29.29
N LYS A 580 20.81 -25.29 -29.17
CA LYS A 580 21.51 -24.95 -27.92
C LYS A 580 21.61 -23.44 -27.79
N ILE A 581 21.06 -22.89 -26.70
CA ILE A 581 21.11 -21.41 -26.52
C ILE A 581 22.58 -21.05 -26.30
N ASN A 582 23.10 -20.05 -27.01
CA ASN A 582 24.55 -19.73 -26.85
C ASN A 582 24.87 -18.29 -27.25
N TYR A 583 26.04 -17.85 -26.80
CA TYR A 583 26.72 -16.55 -27.06
C TYR A 583 27.25 -16.02 -25.71
N LYS A 584 27.44 -14.72 -25.58
CA LYS A 584 27.95 -14.32 -24.24
C LYS A 584 27.20 -13.11 -23.69
N LEU A 585 26.37 -13.30 -22.65
CA LEU A 585 25.97 -12.09 -21.94
C LEU A 585 27.19 -11.43 -21.30
N LEU A 586 27.09 -10.13 -21.05
CA LEU A 586 28.18 -9.37 -20.43
C LEU A 586 27.63 -8.54 -19.29
N PRO A 587 27.81 -8.95 -18.05
CA PRO A 587 27.30 -8.18 -16.92
C PRO A 587 28.34 -7.25 -16.29
N GLY A 588 27.85 -6.08 -15.87
CA GLY A 588 28.62 -5.09 -15.14
C GLY A 588 29.89 -4.62 -15.82
N PRO A 589 29.77 -3.90 -16.95
CA PRO A 589 30.95 -3.58 -17.74
C PRO A 589 31.81 -2.51 -17.10
N ASN A 590 31.17 -1.54 -16.44
CA ASN A 590 31.86 -0.42 -15.81
C ASN A 590 32.77 -0.88 -14.69
N LYS A 591 32.45 -2.00 -14.05
CA LYS A 591 33.30 -2.51 -13.00
C LYS A 591 34.18 -3.64 -13.53
N MET A 592 33.69 -4.36 -14.54
CA MET A 592 34.43 -5.49 -15.17
C MET A 592 35.66 -5.04 -15.97
N LEU A 593 35.55 -3.93 -16.71
CA LEU A 593 36.58 -3.45 -17.63
C LEU A 593 37.85 -2.92 -16.95
N PRO A 594 37.80 -2.11 -15.88
CA PRO A 594 39.06 -1.77 -15.20
C PRO A 594 39.70 -2.95 -14.51
N LYS A 595 38.90 -3.91 -14.02
CA LYS A 595 39.45 -5.11 -13.43
C LYS A 595 40.21 -5.93 -14.46
N VAL A 596 39.56 -6.31 -15.56
CA VAL A 596 40.21 -7.16 -16.56
C VAL A 596 41.33 -6.42 -17.29
N PHE A 597 41.27 -5.09 -17.37
CA PHE A 597 42.30 -4.35 -18.06
C PHE A 597 43.43 -3.88 -17.15
N PHE A 598 43.30 -4.04 -15.83
CA PHE A 598 44.36 -3.61 -14.91
C PHE A 598 44.58 -4.66 -13.82
N SER A 599 44.53 -5.94 -14.20
CA SER A 599 44.68 -7.05 -13.22
C SER A 599 46.05 -7.73 -13.37
N LYS A 600 46.88 -7.22 -14.29
CA LYS A 600 48.26 -7.66 -14.69
C LYS A 600 48.22 -8.83 -15.67
N LYS A 601 47.01 -9.32 -16.02
CA LYS A 601 46.85 -10.40 -17.03
C LYS A 601 46.72 -9.69 -18.38
N TRP A 602 46.63 -8.36 -18.31
CA TRP A 602 46.51 -7.46 -19.44
C TRP A 602 47.55 -6.35 -19.38
N MET A 603 48.08 -6.12 -18.18
CA MET A 603 49.24 -5.21 -18.01
C MET A 603 50.42 -5.90 -18.71
N ALA A 604 50.51 -7.22 -18.56
CA ALA A 604 51.54 -8.06 -19.15
C ALA A 604 51.31 -8.27 -20.65
N TYR A 605 50.06 -8.19 -21.09
CA TYR A 605 49.76 -8.42 -22.50
C TYR A 605 49.89 -7.12 -23.30
N TYR A 606 49.47 -6.00 -22.70
CA TYR A 606 49.70 -4.68 -23.24
C TYR A 606 51.07 -4.19 -22.76
N ASN A 607 51.35 -2.90 -22.93
CA ASN A 607 52.64 -2.39 -22.47
C ASN A 607 52.71 -2.31 -20.95
N PRO A 608 51.76 -1.66 -20.22
CA PRO A 608 50.65 -0.73 -20.49
C PRO A 608 51.18 0.71 -20.46
N SER A 609 50.41 1.67 -20.96
CA SER A 609 50.92 3.04 -21.07
C SER A 609 50.88 3.71 -19.70
N GLU A 610 52.03 4.24 -19.30
CA GLU A 610 52.18 4.79 -17.94
C GLU A 610 51.36 6.07 -17.75
N ASP A 611 51.22 6.87 -18.81
CA ASP A 611 50.46 8.11 -18.69
C ASP A 611 48.97 7.83 -18.48
N ILE A 612 48.41 6.88 -19.22
CA ILE A 612 47.00 6.56 -19.01
C ILE A 612 46.80 5.76 -17.72
N GLN A 613 47.83 5.03 -17.26
CA GLN A 613 47.76 4.42 -15.94
C GLN A 613 47.67 5.47 -14.84
N LYS A 614 48.48 6.53 -14.95
CA LYS A 614 48.42 7.63 -14.01
C LYS A 614 47.10 8.37 -14.09
N ILE A 615 46.59 8.57 -15.32
CA ILE A 615 45.34 9.29 -15.51
C ILE A 615 44.17 8.49 -14.93
N TYR A 616 44.22 7.17 -15.04
CA TYR A 616 43.18 6.35 -14.42
C TYR A 616 43.31 6.33 -12.90
N LYS A 617 44.53 6.20 -12.37
CA LYS A 617 44.70 6.14 -10.93
C LYS A 617 44.47 7.48 -10.24
N ASN A 618 44.44 8.58 -11.00
CA ASN A 618 43.93 9.84 -10.46
C ASN A 618 42.42 9.99 -10.67
N GLY A 619 41.96 9.95 -11.91
CA GLY A 619 40.56 10.13 -12.21
C GLY A 619 40.20 11.40 -12.95
N THR A 620 41.05 11.87 -13.87
CA THR A 620 40.81 13.12 -14.59
C THR A 620 39.87 12.97 -15.77
N PHE A 621 39.23 11.80 -15.92
CA PHE A 621 38.20 11.61 -16.94
C PHE A 621 36.80 11.62 -16.34
N LYS A 622 36.66 11.30 -15.07
CA LYS A 622 35.36 11.31 -14.41
C LYS A 622 34.89 12.75 -14.18
N LYS A 623 33.57 12.90 -14.12
CA LYS A 623 32.97 14.20 -13.87
C LYS A 623 33.19 14.61 -12.42
N GLY A 624 32.99 15.89 -12.13
CA GLY A 624 33.35 16.45 -10.84
C GLY A 624 34.47 17.45 -10.86
N ASP A 625 34.56 18.28 -11.92
CA ASP A 625 35.54 19.36 -12.09
C ASP A 625 36.98 18.83 -12.09
N MET A 626 37.17 17.64 -12.65
CA MET A 626 38.50 17.11 -12.91
C MET A 626 38.50 16.58 -14.34
N PHE A 627 37.32 16.61 -14.94
CA PHE A 627 37.09 15.97 -16.23
C PHE A 627 37.75 16.75 -17.37
N ASN A 628 38.43 16.02 -18.24
CA ASN A 628 38.94 16.56 -19.49
C ASN A 628 38.49 15.65 -20.62
N LEU A 629 37.88 16.25 -21.65
CA LEU A 629 37.26 15.47 -22.71
C LEU A 629 38.30 14.72 -23.53
N ASN A 630 39.49 15.31 -23.70
CA ASN A 630 40.55 14.64 -24.43
C ASN A 630 41.09 13.43 -23.66
N ASP A 631 41.22 13.57 -22.33
CA ASP A 631 41.65 12.45 -21.49
C ASP A 631 40.61 11.34 -21.50
N CYS A 632 39.33 11.71 -21.42
CA CYS A 632 38.25 10.73 -21.49
C CYS A 632 38.24 10.03 -22.84
N HIS A 633 38.45 10.77 -23.93
CA HIS A 633 38.43 10.19 -25.26
C HIS A 633 39.61 9.25 -25.49
N LYS A 634 40.80 9.60 -24.97
CA LYS A 634 41.92 8.68 -25.16
C LYS A 634 41.78 7.45 -24.27
N LEU A 635 41.11 7.58 -23.12
CA LEU A 635 40.75 6.38 -22.35
C LEU A 635 39.78 5.50 -23.11
N ILE A 636 38.83 6.11 -23.84
CA ILE A 636 37.91 5.34 -24.67
C ILE A 636 38.66 4.64 -25.80
N ASP A 637 39.58 5.33 -26.48
CA ASP A 637 40.31 4.67 -27.57
C ASP A 637 41.27 3.60 -27.08
N PHE A 638 41.83 3.74 -25.87
CA PHE A 638 42.56 2.64 -25.26
C PHE A 638 41.63 1.47 -24.97
N PHE A 639 40.40 1.76 -24.57
CA PHE A 639 39.42 0.69 -24.41
C PHE A 639 39.10 0.03 -25.75
N LYS A 640 39.04 0.81 -26.83
CA LYS A 640 38.79 0.28 -28.16
C LYS A 640 39.89 -0.69 -28.59
N ASP A 641 41.16 -0.27 -28.45
CA ASP A 641 42.22 -1.14 -28.97
C ASP A 641 42.46 -2.34 -28.06
N SER A 642 42.27 -2.17 -26.74
CA SER A 642 42.41 -3.30 -25.84
C SER A 642 41.27 -4.30 -26.00
N ILE A 643 40.04 -3.82 -26.24
CA ILE A 643 38.94 -4.73 -26.53
C ILE A 643 39.12 -5.45 -27.85
N SER A 644 39.56 -4.75 -28.92
CA SER A 644 39.77 -5.40 -30.20
C SER A 644 40.92 -6.38 -30.18
N ARG A 645 41.91 -6.19 -29.29
CA ARG A 645 42.97 -7.17 -29.15
C ARG A 645 42.61 -8.27 -28.15
N TYR A 646 41.60 -8.05 -27.31
CA TYR A 646 41.16 -9.09 -26.40
C TYR A 646 40.46 -10.21 -27.17
N PRO A 647 40.93 -11.45 -27.08
CA PRO A 647 40.39 -12.50 -27.96
C PRO A 647 39.00 -12.98 -27.57
N LYS A 648 38.73 -13.14 -26.27
CA LYS A 648 37.47 -13.76 -25.86
C LYS A 648 36.28 -12.83 -26.06
N TRP A 649 36.52 -11.54 -26.23
CA TRP A 649 35.46 -10.61 -26.59
C TRP A 649 35.49 -10.19 -28.06
N SER A 650 36.67 -10.14 -28.68
CA SER A 650 36.71 -9.80 -30.11
C SER A 650 36.22 -10.94 -30.99
N ASN A 651 36.41 -12.19 -30.56
CA ASN A 651 35.93 -13.34 -31.32
C ASN A 651 34.51 -13.73 -30.95
N ALA A 652 33.89 -13.05 -30.00
CA ALA A 652 32.49 -13.27 -29.66
C ALA A 652 31.58 -12.19 -30.19
N TYR A 653 32.12 -11.03 -30.58
CA TYR A 653 31.33 -9.93 -31.10
C TYR A 653 32.07 -9.25 -32.24
N ASP A 654 31.43 -9.18 -33.40
CA ASP A 654 31.94 -8.37 -34.51
C ASP A 654 31.68 -6.92 -34.15
N PHE A 655 32.60 -6.32 -33.41
CA PHE A 655 32.36 -5.06 -32.72
C PHE A 655 32.29 -3.89 -33.68
N ASN A 656 31.22 -3.11 -33.57
CA ASN A 656 31.03 -1.90 -34.38
C ASN A 656 30.47 -0.82 -33.47
N PHE A 657 31.34 -0.04 -32.86
CA PHE A 657 30.94 1.05 -32.01
C PHE A 657 30.66 2.30 -32.85
N SER A 658 30.40 3.41 -32.17
CA SER A 658 30.27 4.68 -32.86
C SER A 658 31.60 5.45 -32.77
N GLU A 659 31.59 6.68 -33.26
CA GLU A 659 32.84 7.40 -33.49
C GLU A 659 33.33 8.06 -32.21
N THR A 660 34.63 8.40 -32.20
CA THR A 660 35.31 8.80 -30.97
C THR A 660 34.90 10.19 -30.51
N GLU A 661 34.82 11.15 -31.43
CA GLU A 661 34.64 12.55 -31.04
C GLU A 661 33.23 12.85 -30.53
N LYS A 662 32.26 11.99 -30.82
CA LYS A 662 30.90 12.21 -30.37
C LYS A 662 30.69 11.81 -28.91
N TYR A 663 31.61 11.01 -28.36
CA TYR A 663 31.54 10.56 -26.97
C TYR A 663 31.71 11.76 -26.02
N LYS A 664 30.64 12.10 -25.32
CA LYS A 664 30.72 13.18 -24.34
C LYS A 664 31.32 12.68 -23.03
N ASP A 665 31.00 11.45 -22.64
CA ASP A 665 31.48 10.88 -21.40
C ASP A 665 31.77 9.40 -21.58
N ILE A 666 32.15 8.76 -20.48
CA ILE A 666 32.50 7.35 -20.51
C ILE A 666 31.28 6.47 -20.25
N ALA A 667 30.26 6.99 -19.56
CA ALA A 667 29.08 6.19 -19.24
C ALA A 667 28.24 5.90 -20.48
N GLY A 668 28.22 6.82 -21.45
CA GLY A 668 27.51 6.56 -22.69
C GLY A 668 28.14 5.44 -23.49
N PHE A 669 29.47 5.46 -23.62
CA PHE A 669 30.16 4.35 -24.29
C PHE A 669 30.13 3.08 -23.46
N TYR A 670 30.00 3.21 -22.14
CA TYR A 670 29.73 2.06 -21.30
C TYR A 670 28.39 1.42 -21.66
N ARG A 671 27.38 2.24 -21.92
CA ARG A 671 26.12 1.68 -22.40
C ARG A 671 26.25 1.13 -23.82
N GLU A 672 27.13 1.70 -24.64
CA GLU A 672 27.32 1.15 -25.99
C GLU A 672 27.98 -0.22 -25.95
N VAL A 673 29.03 -0.38 -25.13
CA VAL A 673 29.63 -1.72 -25.02
C VAL A 673 28.70 -2.64 -24.25
N GLU A 674 27.83 -2.07 -23.42
CA GLU A 674 26.86 -2.87 -22.69
C GLU A 674 25.81 -3.43 -23.63
N GLU A 675 25.32 -2.64 -24.58
CA GLU A 675 24.40 -3.20 -25.57
C GLU A 675 25.11 -4.09 -26.57
N GLN A 676 26.36 -3.82 -26.90
CA GLN A 676 27.09 -4.68 -27.82
C GLN A 676 27.73 -5.87 -27.13
N GLY A 677 27.44 -6.10 -25.84
CA GLY A 677 27.88 -7.31 -25.19
C GLY A 677 26.80 -8.38 -25.10
N TYR A 678 25.94 -8.47 -26.12
CA TYR A 678 24.83 -9.43 -26.13
C TYR A 678 24.60 -9.88 -27.56
N LYS A 679 24.71 -11.19 -27.76
CA LYS A 679 24.44 -11.80 -29.09
C LYS A 679 23.86 -13.20 -28.85
N VAL A 680 22.75 -13.30 -28.11
CA VAL A 680 22.24 -14.66 -27.90
C VAL A 680 21.39 -15.26 -29.03
N SER A 681 21.78 -16.43 -29.49
CA SER A 681 21.09 -17.17 -30.54
C SER A 681 21.39 -18.66 -30.34
N PHE A 682 21.14 -19.46 -31.38
CA PHE A 682 21.13 -20.91 -31.28
C PHE A 682 22.39 -21.52 -31.89
N GLU A 683 22.89 -22.56 -31.24
CA GLU A 683 23.75 -23.54 -31.89
C GLU A 683 22.89 -24.68 -32.42
N SER A 684 23.24 -25.18 -33.60
CA SER A 684 22.54 -26.29 -34.20
C SER A 684 23.07 -27.59 -33.62
N ALA A 685 22.27 -28.23 -32.78
CA ALA A 685 22.63 -29.48 -32.12
C ALA A 685 21.98 -30.64 -32.86
N SER A 686 22.12 -31.83 -32.26
CA SER A 686 21.33 -32.97 -32.67
C SER A 686 20.40 -33.40 -31.55
N LYS A 687 19.62 -34.45 -31.79
CA LYS A 687 18.53 -34.79 -30.90
C LYS A 687 18.72 -36.15 -30.21
N LYS A 688 18.93 -37.21 -30.98
CA LYS A 688 18.71 -38.56 -30.47
C LYS A 688 19.80 -38.98 -29.48
N GLU A 689 21.03 -38.52 -29.70
CA GLU A 689 22.12 -38.88 -28.81
C GLU A 689 21.97 -38.20 -27.46
N VAL A 690 21.39 -36.99 -27.41
CA VAL A 690 21.25 -36.36 -26.12
C VAL A 690 19.95 -36.81 -25.44
N ASP A 691 18.97 -37.28 -26.21
CA ASP A 691 17.86 -37.99 -25.60
C ASP A 691 18.33 -39.29 -24.98
N LYS A 692 19.28 -39.96 -25.64
CA LYS A 692 19.95 -41.12 -25.06
C LYS A 692 20.73 -40.73 -23.81
N LEU A 693 21.30 -39.53 -23.80
CA LEU A 693 22.04 -39.07 -22.61
C LEU A 693 21.10 -38.76 -21.46
N VAL A 694 19.87 -38.33 -21.77
CA VAL A 694 18.81 -38.30 -20.76
C VAL A 694 18.52 -39.71 -20.24
N GLU A 695 18.37 -40.66 -21.16
CA GLU A 695 18.00 -42.03 -20.80
C GLU A 695 19.06 -42.72 -19.96
N GLU A 696 20.32 -42.37 -20.17
CA GLU A 696 21.41 -42.87 -19.34
C GLU A 696 21.54 -42.13 -18.03
N GLY A 697 20.71 -41.10 -17.80
CA GLY A 697 20.76 -40.34 -16.58
C GLY A 697 21.79 -39.25 -16.54
N LYS A 698 22.64 -39.14 -17.56
CA LYS A 698 23.69 -38.14 -17.59
C LYS A 698 23.20 -36.79 -18.10
N LEU A 699 21.91 -36.67 -18.41
CA LEU A 699 21.33 -35.39 -18.76
C LEU A 699 20.06 -35.23 -17.95
N TYR A 700 19.85 -34.04 -17.42
CA TYR A 700 18.62 -33.69 -16.71
C TYR A 700 17.84 -32.71 -17.55
N MET A 701 16.56 -32.99 -17.74
CA MET A 701 15.81 -32.50 -18.88
C MET A 701 14.40 -32.08 -18.51
N PHE A 702 14.13 -30.78 -18.58
CA PHE A 702 12.81 -30.25 -18.23
C PHE A 702 12.26 -29.38 -19.34
N GLN A 703 11.03 -29.68 -19.74
CA GLN A 703 10.37 -28.94 -20.80
C GLN A 703 9.79 -27.66 -20.23
N ILE A 704 10.16 -26.53 -20.81
CA ILE A 704 9.55 -25.26 -20.46
C ILE A 704 8.10 -25.31 -20.90
N TYR A 705 7.19 -25.10 -19.95
CA TYR A 705 5.80 -25.42 -20.18
C TYR A 705 4.86 -24.35 -19.61
N ASN A 706 3.73 -24.18 -20.28
CA ASN A 706 2.60 -23.41 -19.82
C ASN A 706 1.36 -24.06 -20.42
N LYS A 707 0.26 -23.32 -20.45
CA LYS A 707 -0.86 -23.80 -21.24
C LYS A 707 -0.67 -23.49 -22.72
N ASP A 708 -0.04 -22.38 -23.06
CA ASP A 708 0.03 -21.97 -24.45
C ASP A 708 1.17 -22.62 -25.20
N PHE A 709 1.94 -23.49 -24.56
CA PHE A 709 2.85 -24.35 -25.29
C PHE A 709 2.14 -25.52 -25.97
N SER A 710 0.85 -25.69 -25.74
CA SER A 710 0.15 -26.88 -26.18
C SER A 710 0.01 -26.92 -27.69
N ASP A 711 -0.30 -28.12 -28.19
CA ASP A 711 -0.74 -28.28 -29.56
C ASP A 711 -2.07 -27.58 -29.78
N LYS A 712 -2.94 -27.56 -28.77
CA LYS A 712 -4.24 -26.93 -28.85
C LYS A 712 -4.18 -25.41 -28.81
N SER A 713 -2.99 -24.83 -28.64
CA SER A 713 -2.84 -23.40 -28.48
C SER A 713 -3.18 -22.68 -29.78
N HIS A 714 -4.21 -21.86 -29.75
CA HIS A 714 -4.67 -21.16 -30.93
C HIS A 714 -5.00 -19.69 -30.70
N GLY A 715 -5.34 -19.30 -29.47
CA GLY A 715 -5.93 -17.99 -29.23
C GLY A 715 -4.95 -16.89 -28.91
N THR A 716 -5.10 -16.29 -27.73
CA THR A 716 -4.25 -15.18 -27.32
C THR A 716 -3.40 -15.63 -26.16
N PRO A 717 -2.14 -15.95 -26.37
CA PRO A 717 -1.29 -16.38 -25.25
C PRO A 717 -0.89 -15.25 -24.32
N ASN A 718 -0.02 -15.57 -23.37
CA ASN A 718 0.47 -14.57 -22.44
C ASN A 718 1.48 -13.66 -23.12
N LEU A 719 1.41 -12.39 -22.73
CA LEU A 719 2.42 -11.41 -23.08
C LEU A 719 3.78 -11.81 -22.52
N HIS A 720 3.78 -12.45 -21.36
CA HIS A 720 5.03 -12.94 -20.81
C HIS A 720 5.59 -14.08 -21.64
N THR A 721 4.72 -14.90 -22.21
CA THR A 721 5.21 -15.92 -23.11
C THR A 721 5.74 -15.30 -24.38
N MET A 722 5.13 -14.22 -24.83
CA MET A 722 5.65 -13.50 -25.98
C MET A 722 7.01 -12.91 -25.68
N TYR A 723 7.18 -12.42 -24.45
CA TYR A 723 8.49 -11.96 -23.97
C TYR A 723 9.52 -13.06 -24.11
N PHE A 724 9.14 -14.26 -23.68
CA PHE A 724 10.02 -15.40 -23.80
C PHE A 724 10.35 -15.71 -25.25
N LYS A 725 9.37 -15.59 -26.15
CA LYS A 725 9.64 -15.82 -27.57
C LYS A 725 10.62 -14.80 -28.11
N LEU A 726 10.40 -13.53 -27.79
CA LEU A 726 11.24 -12.47 -28.31
C LEU A 726 12.55 -12.35 -27.57
N LEU A 727 12.80 -13.21 -26.59
CA LEU A 727 14.19 -13.46 -26.22
C LEU A 727 14.98 -14.06 -27.38
N PHE A 728 14.29 -14.75 -28.30
CA PHE A 728 14.95 -15.41 -29.42
C PHE A 728 14.45 -14.90 -30.76
N ASP A 729 13.77 -13.76 -30.77
CA ASP A 729 13.49 -13.05 -32.01
C ASP A 729 14.74 -12.36 -32.51
N GLU A 730 15.07 -12.60 -33.78
CA GLU A 730 16.30 -12.06 -34.34
C GLU A 730 16.21 -10.56 -34.55
N ASN A 731 15.00 -10.03 -34.63
CA ASN A 731 14.83 -8.61 -34.85
C ASN A 731 14.83 -7.83 -33.54
N ASN A 732 14.66 -8.51 -32.41
CA ASN A 732 14.82 -7.84 -31.12
C ASN A 732 16.31 -7.64 -30.87
N HIS A 733 16.87 -6.61 -31.48
CA HIS A 733 18.20 -6.16 -31.16
C HIS A 733 18.16 -4.82 -30.47
N GLY A 734 16.98 -4.22 -30.31
CA GLY A 734 16.88 -2.88 -29.78
C GLY A 734 16.05 -2.55 -28.55
N GLN A 735 16.03 -3.29 -27.43
CA GLN A 735 16.65 -4.57 -27.12
C GLN A 735 16.01 -5.12 -25.87
N ILE A 736 15.48 -6.34 -25.94
CA ILE A 736 14.92 -7.00 -24.76
C ILE A 736 15.54 -8.38 -24.71
N ARG A 737 15.90 -8.82 -23.50
CA ARG A 737 16.85 -9.88 -23.26
C ARG A 737 16.76 -10.27 -21.80
N LEU A 738 17.31 -11.43 -21.46
CA LEU A 738 17.12 -12.00 -20.13
C LEU A 738 17.94 -11.25 -19.09
N SER A 739 17.55 -11.40 -17.83
CA SER A 739 18.44 -11.11 -16.71
C SER A 739 18.95 -12.42 -16.14
N GLY A 740 20.21 -12.42 -15.71
CA GLY A 740 20.82 -13.63 -15.24
C GLY A 740 20.34 -14.01 -13.85
N GLY A 741 20.75 -15.22 -13.43
CA GLY A 741 20.37 -15.69 -12.12
C GLY A 741 18.95 -16.20 -12.06
N ALA A 742 18.65 -17.30 -12.77
CA ALA A 742 17.33 -17.88 -12.73
C ALA A 742 17.24 -18.98 -11.68
N GLU A 743 16.06 -19.14 -11.09
CA GLU A 743 15.86 -20.10 -10.01
C GLU A 743 14.78 -21.10 -10.38
N LEU A 744 14.76 -22.20 -9.63
CA LEU A 744 13.86 -23.32 -9.85
C LEU A 744 13.48 -23.89 -8.51
N PHE A 745 12.20 -23.84 -8.18
CA PHE A 745 11.72 -24.34 -6.90
C PHE A 745 10.98 -25.65 -7.13
N MET A 746 10.35 -26.15 -6.07
CA MET A 746 9.68 -27.43 -6.14
C MET A 746 8.40 -27.50 -5.31
N ARG A 747 7.27 -27.72 -5.99
CA ARG A 747 5.96 -27.68 -5.36
C ARG A 747 5.37 -29.08 -5.34
N ARG A 748 5.15 -29.60 -4.13
CA ARG A 748 4.49 -30.90 -3.98
C ARG A 748 2.98 -30.74 -4.12
N ALA A 749 2.26 -31.82 -3.85
CA ALA A 749 0.80 -31.73 -3.84
C ALA A 749 0.31 -31.08 -2.56
N SER A 750 -0.95 -30.69 -2.59
CA SER A 750 -1.68 -30.29 -1.40
C SER A 750 -2.85 -31.21 -1.11
N LEU A 751 -3.64 -31.55 -2.12
CA LEU A 751 -4.76 -32.45 -1.97
C LEU A 751 -4.54 -33.66 -2.87
N LYS A 752 -5.35 -34.68 -2.65
CA LYS A 752 -5.15 -35.97 -3.29
C LYS A 752 -6.04 -36.10 -4.52
N LYS A 753 -5.47 -36.68 -5.58
CA LYS A 753 -6.12 -36.78 -6.88
C LYS A 753 -7.41 -37.59 -6.81
N GLU A 754 -7.47 -38.56 -5.91
CA GLU A 754 -8.70 -39.31 -5.70
C GLU A 754 -9.77 -38.44 -5.04
N GLU A 755 -9.33 -37.42 -4.30
CA GLU A 755 -10.22 -36.72 -3.34
C GLU A 755 -10.73 -35.42 -3.98
N LEU A 756 -10.84 -35.41 -5.32
CA LEU A 756 -11.39 -34.24 -6.05
C LEU A 756 -12.82 -34.55 -6.50
N VAL A 757 -13.69 -33.54 -6.56
CA VAL A 757 -15.08 -33.70 -7.05
C VAL A 757 -15.17 -33.25 -8.50
N VAL A 758 -15.90 -33.98 -9.34
CA VAL A 758 -15.62 -34.05 -10.81
C VAL A 758 -16.87 -33.59 -11.57
N HIS A 759 -16.67 -32.94 -12.72
CA HIS A 759 -17.75 -32.77 -13.73
C HIS A 759 -17.48 -33.69 -14.93
N PRO A 760 -18.27 -34.75 -15.16
CA PRO A 760 -17.80 -35.94 -15.89
C PRO A 760 -17.83 -35.72 -17.41
N ALA A 761 -17.26 -36.67 -18.16
CA ALA A 761 -17.46 -36.74 -19.60
C ALA A 761 -18.94 -36.83 -19.94
N ASN A 762 -19.28 -36.31 -21.12
CA ASN A 762 -20.60 -36.45 -21.75
C ASN A 762 -21.73 -35.87 -20.89
N SER A 763 -21.39 -34.96 -20.00
CA SER A 763 -22.30 -34.52 -18.97
C SER A 763 -22.78 -33.11 -19.29
N PRO A 764 -24.09 -32.87 -19.25
CA PRO A 764 -24.57 -31.49 -19.41
C PRO A 764 -24.23 -30.64 -18.20
N ILE A 765 -23.24 -29.78 -18.35
CA ILE A 765 -22.80 -28.90 -17.27
C ILE A 765 -23.38 -27.53 -17.56
N ALA A 766 -24.32 -27.11 -16.72
CA ALA A 766 -25.01 -25.85 -16.91
C ALA A 766 -24.05 -24.69 -16.69
N ASN A 767 -24.02 -23.78 -17.65
CA ASN A 767 -23.05 -22.70 -17.66
C ASN A 767 -23.43 -21.64 -16.64
N LYS A 768 -22.46 -20.78 -16.31
CA LYS A 768 -22.59 -19.85 -15.20
C LYS A 768 -22.80 -18.40 -15.65
N ASN A 769 -22.20 -17.99 -16.75
CA ASN A 769 -22.39 -16.64 -17.26
C ASN A 769 -23.81 -16.43 -17.73
N PRO A 770 -24.53 -15.44 -17.20
CA PRO A 770 -25.89 -15.16 -17.69
C PRO A 770 -25.94 -14.39 -19.00
N ASP A 771 -24.82 -14.23 -19.69
CA ASP A 771 -24.81 -13.40 -20.90
C ASP A 771 -24.67 -14.20 -22.18
N ASN A 772 -24.04 -15.35 -22.14
CA ASN A 772 -24.04 -16.25 -23.28
C ASN A 772 -25.42 -16.86 -23.44
N PRO A 773 -26.02 -16.81 -24.63
CA PRO A 773 -27.29 -17.53 -24.86
C PRO A 773 -27.17 -19.03 -24.69
N LYS A 774 -26.00 -19.61 -24.94
CA LYS A 774 -25.76 -21.00 -24.59
C LYS A 774 -25.65 -21.10 -23.07
N LYS A 775 -26.38 -22.06 -22.48
CA LYS A 775 -26.50 -22.14 -21.03
C LYS A 775 -25.98 -23.42 -20.42
N THR A 776 -25.58 -24.40 -21.23
CA THR A 776 -25.17 -25.69 -20.71
C THR A 776 -24.07 -26.26 -21.60
N THR A 777 -23.05 -26.85 -20.97
CA THR A 777 -21.93 -27.43 -21.69
C THR A 777 -21.93 -28.94 -21.53
N THR A 778 -21.78 -29.65 -22.64
CA THR A 778 -21.63 -31.11 -22.63
C THR A 778 -20.34 -31.43 -23.39
N LEU A 779 -19.40 -32.09 -22.72
CA LEU A 779 -18.14 -32.43 -23.36
C LEU A 779 -17.66 -33.79 -22.88
N SER A 780 -16.74 -34.37 -23.65
CA SER A 780 -16.50 -35.80 -23.66
C SER A 780 -15.27 -36.22 -22.87
N TYR A 781 -14.81 -35.40 -21.93
CA TYR A 781 -13.82 -35.90 -21.01
C TYR A 781 -14.06 -35.30 -19.63
N ASP A 782 -13.75 -36.09 -18.61
CA ASP A 782 -13.81 -35.62 -17.24
C ASP A 782 -12.81 -34.51 -17.00
N VAL A 783 -13.15 -33.59 -16.10
CA VAL A 783 -12.16 -32.66 -15.47
C VAL A 783 -12.17 -32.87 -13.96
N TYR A 784 -11.03 -32.66 -13.31
CA TYR A 784 -10.88 -32.93 -11.85
C TYR A 784 -11.02 -31.62 -11.07
N LYS A 785 -10.96 -31.72 -9.73
CA LYS A 785 -10.84 -30.51 -8.87
C LYS A 785 -9.39 -30.03 -8.88
N ASP A 786 -9.08 -29.05 -9.73
CA ASP A 786 -7.82 -28.25 -9.60
C ASP A 786 -6.62 -29.21 -9.66
N LYS A 787 -6.45 -29.91 -10.78
CA LYS A 787 -5.53 -31.08 -10.86
C LYS A 787 -4.08 -30.58 -10.68
N ARG A 788 -3.79 -29.40 -11.23
CA ARG A 788 -2.41 -28.82 -11.16
C ARG A 788 -2.00 -28.65 -9.70
N PHE A 789 -2.98 -28.57 -8.79
CA PHE A 789 -2.71 -28.38 -7.39
C PHE A 789 -2.79 -29.66 -6.59
N SER A 790 -3.00 -30.79 -7.25
CA SER A 790 -3.11 -32.06 -6.54
C SER A 790 -1.94 -32.98 -6.80
N GLU A 791 -0.86 -32.49 -7.38
CA GLU A 791 0.31 -33.31 -7.66
C GLU A 791 1.59 -32.53 -7.40
N ASP A 792 2.71 -33.21 -7.56
CA ASP A 792 4.02 -32.64 -7.25
C ASP A 792 4.69 -32.11 -8.51
N GLN A 793 4.85 -30.79 -8.58
CA GLN A 793 5.20 -30.13 -9.83
C GLN A 793 6.43 -29.24 -9.66
N TYR A 794 7.16 -29.08 -10.77
CA TYR A 794 8.43 -28.35 -10.82
C TYR A 794 8.18 -26.97 -11.44
N GLU A 795 8.81 -25.94 -10.88
CA GLU A 795 8.51 -24.56 -11.27
C GLU A 795 9.80 -23.77 -11.43
N LEU A 796 10.01 -23.23 -12.63
CA LEU A 796 11.21 -22.49 -12.99
C LEU A 796 10.89 -21.00 -12.89
N HIS A 797 11.89 -20.20 -12.51
CA HIS A 797 11.70 -18.77 -12.25
C HIS A 797 12.83 -18.00 -12.93
N ILE A 798 12.46 -17.12 -13.87
CA ILE A 798 13.43 -16.61 -14.84
C ILE A 798 13.37 -15.08 -14.90
N PRO A 799 14.45 -14.38 -14.61
CA PRO A 799 14.40 -12.91 -14.68
C PRO A 799 14.63 -12.39 -16.09
N ILE A 800 14.19 -11.15 -16.30
CA ILE A 800 14.09 -10.55 -17.62
C ILE A 800 14.53 -9.10 -17.53
N ALA A 801 15.29 -8.64 -18.54
CA ALA A 801 15.86 -7.30 -18.55
C ALA A 801 15.18 -6.44 -19.61
N ILE A 802 14.91 -5.18 -19.27
CA ILE A 802 14.25 -4.23 -20.16
C ILE A 802 14.95 -2.89 -20.05
N ASN A 803 15.42 -2.38 -21.20
CA ASN A 803 15.92 -1.01 -21.37
C ASN A 803 17.16 -0.73 -20.51
N LYS A 804 18.22 -1.52 -20.73
CA LYS A 804 19.43 -1.33 -19.96
C LYS A 804 20.22 -0.14 -20.47
N CYS A 805 20.11 0.14 -21.78
CA CYS A 805 20.79 1.27 -22.41
C CYS A 805 19.72 2.18 -22.99
N PRO A 806 19.10 3.01 -22.17
CA PRO A 806 18.05 3.89 -22.68
C PRO A 806 18.66 5.10 -23.36
N LYS A 807 18.13 5.44 -24.53
CA LYS A 807 18.67 6.51 -25.36
C LYS A 807 18.02 7.85 -25.06
N ASN A 808 16.71 7.95 -25.25
CA ASN A 808 16.03 9.24 -25.07
C ASN A 808 15.77 9.44 -23.59
N ILE A 809 16.59 10.28 -22.98
CA ILE A 809 16.47 10.59 -21.56
C ILE A 809 15.99 12.02 -21.43
N PHE A 810 15.05 12.25 -20.53
CA PHE A 810 14.49 13.58 -20.32
C PHE A 810 13.78 13.60 -18.98
N LYS A 811 13.26 14.78 -18.65
CA LYS A 811 12.37 14.91 -17.51
C LYS A 811 10.93 14.77 -17.98
N ILE A 812 10.24 13.85 -17.35
CA ILE A 812 9.09 13.18 -17.95
C ILE A 812 7.89 14.12 -17.97
N ASN A 813 7.45 14.54 -16.80
CA ASN A 813 6.21 15.31 -16.66
C ASN A 813 6.34 16.65 -17.33
N THR A 814 7.55 17.21 -17.29
CA THR A 814 7.84 18.47 -17.97
C THR A 814 7.72 18.30 -19.47
N GLU A 815 8.27 17.23 -20.05
CA GLU A 815 8.16 17.06 -21.49
C GLU A 815 6.73 16.75 -21.92
N VAL A 816 5.96 16.10 -21.05
CA VAL A 816 4.52 15.99 -21.27
C VAL A 816 3.90 17.37 -21.37
N ARG A 817 4.26 18.26 -20.45
CA ARG A 817 3.75 19.62 -20.50
C ARG A 817 4.23 20.38 -21.72
N VAL A 818 5.41 20.05 -22.25
CA VAL A 818 5.86 20.62 -23.51
C VAL A 818 4.94 20.21 -24.64
N LEU A 819 4.60 18.91 -24.67
CA LEU A 819 3.67 18.41 -25.67
C LEU A 819 2.30 19.08 -25.53
N LEU A 820 1.88 19.34 -24.31
CA LEU A 820 0.63 20.06 -24.11
C LEU A 820 0.76 21.53 -24.51
N LYS A 821 1.96 22.10 -24.38
CA LYS A 821 2.17 23.49 -24.76
C LYS A 821 2.08 23.64 -26.28
N HIS A 822 2.61 22.69 -27.01
CA HIS A 822 2.46 22.73 -28.46
C HIS A 822 1.28 21.91 -28.94
N ASP A 823 0.32 21.62 -28.07
CA ASP A 823 -0.89 20.92 -28.46
C ASP A 823 -1.85 21.88 -29.14
N ASP A 824 -2.78 21.32 -29.89
CA ASP A 824 -3.88 22.07 -30.49
C ASP A 824 -5.22 21.70 -29.86
N ASN A 825 -5.43 20.42 -29.56
CA ASN A 825 -6.70 19.94 -29.03
C ASN A 825 -6.46 18.66 -28.28
N PRO A 826 -6.03 18.76 -27.01
CA PRO A 826 -5.67 17.55 -26.26
C PRO A 826 -6.90 16.80 -25.77
N TYR A 827 -7.06 15.57 -26.24
CA TYR A 827 -8.11 14.72 -25.72
C TYR A 827 -7.72 14.25 -24.33
N VAL A 828 -8.72 13.86 -23.55
CA VAL A 828 -8.51 13.52 -22.16
C VAL A 828 -9.50 12.44 -21.72
N ILE A 829 -8.98 11.44 -21.02
CA ILE A 829 -9.81 10.43 -20.38
C ILE A 829 -10.17 10.91 -18.98
N GLY A 830 -11.47 10.85 -18.68
CA GLY A 830 -11.95 11.10 -17.33
C GLY A 830 -12.27 9.78 -16.65
N ILE A 831 -11.79 9.63 -15.43
CA ILE A 831 -11.78 8.36 -14.73
C ILE A 831 -12.38 8.55 -13.35
N ASP A 832 -13.54 7.94 -13.11
CA ASP A 832 -14.07 7.91 -11.75
C ASP A 832 -14.99 6.72 -11.57
N ARG A 833 -15.01 6.22 -10.36
CA ARG A 833 -16.02 5.29 -9.89
C ARG A 833 -17.33 5.99 -9.62
N GLY A 834 -18.43 5.28 -9.87
CA GLY A 834 -19.76 5.80 -9.62
C GLY A 834 -20.46 5.14 -8.45
N GLU A 835 -21.79 5.27 -8.37
CA GLU A 835 -22.54 4.68 -7.27
C GLU A 835 -23.22 3.38 -7.68
N ARG A 836 -24.13 3.45 -8.63
CA ARG A 836 -24.68 2.24 -9.23
C ARG A 836 -23.83 1.77 -10.37
N ASN A 837 -23.02 2.66 -10.93
CA ASN A 837 -21.99 2.31 -11.90
C ASN A 837 -20.75 1.93 -11.12
N LEU A 838 -20.00 0.96 -11.65
CA LEU A 838 -18.74 0.62 -11.03
C LEU A 838 -17.66 1.59 -11.48
N LEU A 839 -17.38 1.63 -12.78
CA LEU A 839 -16.49 2.62 -13.36
C LEU A 839 -17.16 3.33 -14.53
N TYR A 840 -16.71 4.55 -14.79
CA TYR A 840 -17.17 5.35 -15.92
C TYR A 840 -15.99 6.05 -16.56
N ILE A 841 -15.97 6.05 -17.88
CA ILE A 841 -14.94 6.72 -18.67
C ILE A 841 -15.61 7.66 -19.65
N VAL A 842 -15.06 8.87 -19.77
CA VAL A 842 -15.58 9.86 -20.71
C VAL A 842 -14.45 10.25 -21.67
N VAL A 843 -14.84 10.63 -22.88
CA VAL A 843 -13.93 11.20 -23.86
C VAL A 843 -14.35 12.64 -24.09
N VAL A 844 -13.44 13.58 -23.82
CA VAL A 844 -13.64 15.01 -24.03
C VAL A 844 -12.39 15.54 -24.74
N ASP A 845 -12.58 16.57 -25.56
CA ASP A 845 -11.48 17.20 -26.29
C ASP A 845 -10.68 18.17 -25.43
N GLY A 846 -9.85 18.99 -26.05
CA GLY A 846 -9.22 20.09 -25.35
C GLY A 846 -9.98 21.39 -25.37
N LYS A 847 -11.26 21.37 -25.72
CA LYS A 847 -12.10 22.55 -25.68
C LYS A 847 -13.38 22.29 -24.90
N GLY A 848 -13.38 21.28 -24.04
CA GLY A 848 -14.53 20.97 -23.23
C GLY A 848 -15.67 20.30 -23.95
N ASN A 849 -15.54 20.05 -25.25
CA ASN A 849 -16.59 19.39 -26.00
C ASN A 849 -16.50 17.89 -25.77
N ILE A 850 -17.52 17.34 -25.12
CA ILE A 850 -17.54 15.93 -24.79
C ILE A 850 -17.69 15.11 -26.06
N VAL A 851 -16.92 14.04 -26.17
CA VAL A 851 -16.88 13.21 -27.36
C VAL A 851 -17.59 11.89 -27.15
N GLU A 852 -17.28 11.17 -26.08
CA GLU A 852 -17.84 9.85 -25.87
C GLU A 852 -17.87 9.58 -24.37
N GLN A 853 -18.86 8.79 -23.94
CA GLN A 853 -19.02 8.47 -22.54
C GLN A 853 -19.74 7.14 -22.41
N TYR A 854 -19.25 6.29 -21.51
CA TYR A 854 -19.97 5.07 -21.14
C TYR A 854 -19.48 4.58 -19.79
N SER A 855 -20.34 3.84 -19.11
CA SER A 855 -19.89 3.13 -17.94
C SER A 855 -19.19 1.85 -18.35
N LEU A 856 -18.57 1.21 -17.38
CA LEU A 856 -17.76 0.03 -17.62
C LEU A 856 -18.23 -1.14 -16.77
N ASN A 857 -19.51 -1.12 -16.39
CA ASN A 857 -20.06 -2.21 -15.60
C ASN A 857 -20.11 -3.51 -16.40
N GLU A 858 -20.73 -3.47 -17.57
CA GLU A 858 -20.59 -4.54 -18.54
C GLU A 858 -19.18 -4.44 -19.11
N ILE A 859 -18.56 -5.58 -19.39
CA ILE A 859 -17.20 -5.62 -19.93
C ILE A 859 -17.16 -6.59 -21.09
N ILE A 860 -16.77 -6.09 -22.25
CA ILE A 860 -16.87 -6.81 -23.50
C ILE A 860 -15.48 -7.21 -23.93
N ASN A 861 -15.39 -8.36 -24.62
CA ASN A 861 -14.11 -8.81 -25.24
C ASN A 861 -14.25 -8.75 -26.76
N ASN A 862 -13.36 -8.00 -27.42
CA ASN A 862 -13.29 -7.98 -28.92
C ASN A 862 -12.62 -9.27 -29.40
N PHE A 863 -13.39 -10.36 -29.47
CA PHE A 863 -12.81 -11.72 -29.67
C PHE A 863 -13.27 -12.28 -31.02
N ASN A 864 -12.64 -13.38 -31.46
CA ASN A 864 -12.78 -13.86 -32.87
C ASN A 864 -14.18 -13.82 -33.48
N GLY A 865 -15.24 -14.24 -32.77
CA GLY A 865 -16.54 -14.33 -33.46
C GLY A 865 -17.55 -13.26 -33.07
N ILE A 866 -18.24 -13.46 -31.94
CA ILE A 866 -19.29 -12.49 -31.51
C ILE A 866 -18.87 -11.87 -30.17
N ARG A 867 -18.88 -10.53 -30.08
CA ARG A 867 -18.43 -9.83 -28.85
C ARG A 867 -19.46 -10.06 -27.74
N ILE A 868 -19.00 -10.38 -26.53
CA ILE A 868 -19.90 -10.64 -25.41
C ILE A 868 -19.49 -9.83 -24.20
N LYS A 869 -20.46 -9.15 -23.60
CA LYS A 869 -20.25 -8.28 -22.45
C LYS A 869 -20.34 -9.08 -21.15
N THR A 870 -19.68 -8.56 -20.12
CA THR A 870 -19.62 -9.23 -18.81
C THR A 870 -19.79 -8.21 -17.70
N ASP A 871 -20.81 -8.38 -16.87
CA ASP A 871 -21.15 -7.41 -15.83
C ASP A 871 -20.68 -7.88 -14.46
N TYR A 872 -19.73 -7.15 -13.90
CA TYR A 872 -19.24 -7.44 -12.57
C TYR A 872 -20.20 -6.90 -11.52
N HIS A 873 -21.06 -5.97 -11.93
CA HIS A 873 -21.96 -5.32 -10.98
C HIS A 873 -22.99 -6.30 -10.45
N SER A 874 -23.62 -7.06 -11.34
CA SER A 874 -24.57 -8.09 -10.92
C SER A 874 -23.90 -9.15 -10.08
N LEU A 875 -22.64 -9.45 -10.40
CA LEU A 875 -21.85 -10.37 -9.58
C LEU A 875 -21.73 -9.85 -8.16
N LEU A 876 -21.31 -8.58 -8.02
CA LEU A 876 -21.12 -7.97 -6.72
C LEU A 876 -22.42 -7.89 -5.94
N ASP A 877 -23.54 -7.67 -6.65
CA ASP A 877 -24.85 -7.74 -6.00
C ASP A 877 -25.10 -9.13 -5.44
N LYS A 878 -24.74 -10.16 -6.20
CA LYS A 878 -24.91 -11.52 -5.70
C LYS A 878 -23.99 -11.78 -4.52
N LYS A 879 -22.80 -11.18 -4.52
CA LYS A 879 -21.89 -11.41 -3.40
C LYS A 879 -22.35 -10.67 -2.15
N GLU A 880 -22.92 -9.49 -2.31
CA GLU A 880 -23.44 -8.80 -1.14
C GLU A 880 -24.69 -9.49 -0.62
N LYS A 881 -25.48 -10.10 -1.51
CA LYS A 881 -26.58 -10.95 -1.08
C LYS A 881 -26.07 -12.14 -0.29
N GLU A 882 -24.99 -12.75 -0.78
CA GLU A 882 -24.38 -13.87 -0.07
C GLU A 882 -23.79 -13.43 1.26
N ARG A 883 -23.28 -12.21 1.34
CA ARG A 883 -22.69 -11.75 2.59
C ARG A 883 -23.77 -11.31 3.57
N PHE A 884 -24.94 -10.94 3.06
CA PHE A 884 -26.06 -10.66 3.95
C PHE A 884 -26.61 -11.95 4.54
N GLU A 885 -26.74 -12.98 3.71
CA GLU A 885 -27.11 -14.28 4.27
C GLU A 885 -25.92 -15.09 4.76
N ALA A 886 -24.74 -14.47 4.88
CA ALA A 886 -23.54 -15.15 5.33
C ALA A 886 -22.90 -14.47 6.53
N ARG A 887 -23.48 -13.36 7.00
CA ARG A 887 -23.10 -12.68 8.25
C ARG A 887 -21.69 -12.13 8.18
N GLN A 888 -21.26 -11.77 6.97
CA GLN A 888 -20.03 -11.01 6.70
C GLN A 888 -18.79 -11.78 7.14
N ASN A 889 -18.66 -13.00 6.64
CA ASN A 889 -17.48 -13.77 6.98
C ASN A 889 -16.30 -13.29 6.16
N TRP A 890 -15.10 -13.61 6.67
CA TRP A 890 -13.87 -13.18 6.04
C TRP A 890 -13.70 -13.80 4.66
N THR A 891 -14.30 -14.97 4.43
CA THR A 891 -14.31 -15.56 3.09
C THR A 891 -15.03 -14.64 2.11
N SER A 892 -16.17 -14.10 2.53
CA SER A 892 -16.86 -13.13 1.70
C SER A 892 -16.04 -11.86 1.52
N ILE A 893 -15.30 -11.46 2.56
CA ILE A 893 -14.49 -10.25 2.47
C ILE A 893 -13.38 -10.40 1.44
N GLU A 894 -12.61 -11.48 1.54
CA GLU A 894 -11.55 -11.71 0.56
C GLU A 894 -12.14 -11.97 -0.82
N ASN A 895 -13.33 -12.58 -0.86
CA ASN A 895 -14.03 -12.82 -2.10
C ASN A 895 -14.24 -11.52 -2.86
N ILE A 896 -14.97 -10.60 -2.24
CA ILE A 896 -15.31 -9.34 -2.90
C ILE A 896 -14.07 -8.49 -3.14
N LYS A 897 -13.07 -8.59 -2.26
CA LYS A 897 -11.85 -7.80 -2.40
C LYS A 897 -11.09 -8.22 -3.64
N GLU A 898 -10.87 -9.51 -3.81
CA GLU A 898 -10.09 -9.90 -4.96
C GLU A 898 -10.91 -9.95 -6.23
N LEU A 899 -12.24 -10.05 -6.14
CA LEU A 899 -13.07 -9.79 -7.31
C LEU A 899 -12.87 -8.37 -7.81
N LYS A 900 -12.82 -7.42 -6.89
CA LYS A 900 -12.46 -6.05 -7.26
C LYS A 900 -11.07 -6.00 -7.87
N ALA A 901 -10.14 -6.74 -7.28
CA ALA A 901 -8.74 -6.69 -7.71
C ALA A 901 -8.57 -7.21 -9.13
N GLY A 902 -9.37 -8.18 -9.52
CA GLY A 902 -9.28 -8.64 -10.88
C GLY A 902 -10.03 -7.71 -11.80
N TYR A 903 -11.15 -7.18 -11.30
CA TYR A 903 -12.01 -6.35 -12.12
C TYR A 903 -11.27 -5.10 -12.55
N ILE A 904 -10.49 -4.53 -11.65
CA ILE A 904 -9.77 -3.32 -11.98
C ILE A 904 -8.62 -3.63 -12.92
N SER A 905 -8.11 -4.87 -12.88
CA SER A 905 -7.11 -5.26 -13.85
C SER A 905 -7.71 -5.32 -15.23
N GLN A 906 -8.99 -5.66 -15.30
CA GLN A 906 -9.67 -5.58 -16.59
C GLN A 906 -9.88 -4.13 -16.98
N VAL A 907 -10.23 -3.31 -15.99
CA VAL A 907 -10.49 -1.88 -16.20
C VAL A 907 -9.29 -1.22 -16.83
N VAL A 908 -8.10 -1.46 -16.29
CA VAL A 908 -6.94 -0.71 -16.73
C VAL A 908 -6.50 -1.15 -18.11
N HIS A 909 -6.80 -2.40 -18.49
CA HIS A 909 -6.57 -2.81 -19.86
C HIS A 909 -7.49 -2.04 -20.79
N LYS A 910 -8.74 -1.85 -20.38
CA LYS A 910 -9.64 -1.00 -21.16
C LYS A 910 -9.15 0.44 -21.18
N ILE A 911 -8.58 0.91 -20.07
CA ILE A 911 -8.05 2.26 -19.99
C ILE A 911 -6.95 2.47 -21.01
N CYS A 912 -5.92 1.62 -20.97
CA CYS A 912 -4.79 1.84 -21.87
C CYS A 912 -5.15 1.53 -23.30
N GLU A 913 -6.17 0.72 -23.54
CA GLU A 913 -6.71 0.61 -24.88
C GLU A 913 -7.31 1.94 -25.33
N LEU A 914 -7.99 2.63 -24.43
CA LEU A 914 -8.47 3.96 -24.78
C LEU A 914 -7.33 4.94 -24.96
N VAL A 915 -6.25 4.74 -24.21
CA VAL A 915 -5.07 5.58 -24.32
C VAL A 915 -4.40 5.41 -25.67
N GLU A 916 -4.26 4.19 -26.14
CA GLU A 916 -3.62 4.00 -27.43
C GLU A 916 -4.56 4.42 -28.56
N LYS A 917 -5.87 4.41 -28.30
CA LYS A 917 -6.77 4.93 -29.32
C LYS A 917 -6.67 6.45 -29.44
N TYR A 918 -6.62 7.15 -28.31
CA TYR A 918 -6.81 8.59 -28.36
C TYR A 918 -5.58 9.44 -28.03
N ASP A 919 -4.50 8.83 -27.53
CA ASP A 919 -3.29 9.51 -27.08
C ASP A 919 -3.61 10.61 -26.07
N ALA A 920 -4.47 10.27 -25.12
CA ALA A 920 -5.08 11.24 -24.22
C ALA A 920 -4.34 11.27 -22.89
N VAL A 921 -4.93 11.96 -21.91
CA VAL A 921 -4.28 12.21 -20.64
C VAL A 921 -5.20 11.82 -19.50
N ILE A 922 -4.57 11.38 -18.41
CA ILE A 922 -5.17 10.49 -17.44
C ILE A 922 -5.18 11.17 -16.08
N ALA A 923 -6.36 11.34 -15.52
CA ALA A 923 -6.43 12.04 -14.24
C ALA A 923 -7.40 11.34 -13.32
N LEU A 924 -7.07 11.33 -12.04
CA LEU A 924 -7.80 10.54 -11.08
C LEU A 924 -7.90 11.28 -9.76
N GLU A 925 -8.83 10.80 -8.95
CA GLU A 925 -9.11 11.33 -7.64
C GLU A 925 -7.92 11.12 -6.73
N ASP A 926 -7.33 12.22 -6.23
CA ASP A 926 -6.31 12.12 -5.21
C ASP A 926 -6.92 11.59 -3.92
N LEU A 927 -6.16 10.76 -3.21
CA LEU A 927 -6.56 10.37 -1.87
C LEU A 927 -5.63 10.88 -0.80
N ASN A 928 -4.58 11.62 -1.17
CA ASN A 928 -3.79 12.30 -0.16
C ASN A 928 -4.57 13.45 0.46
N SER A 929 -5.61 13.92 -0.23
CA SER A 929 -6.57 14.84 0.37
C SER A 929 -8.01 14.41 0.12
N GLY A 930 -8.22 13.23 -0.46
CA GLY A 930 -9.55 12.83 -0.86
C GLY A 930 -10.37 12.26 0.27
N PHE A 931 -11.67 12.14 0.01
CA PHE A 931 -12.63 11.54 0.93
C PHE A 931 -13.59 10.65 0.16
N LYS A 932 -14.33 9.85 0.90
CA LYS A 932 -15.30 8.93 0.33
C LYS A 932 -16.66 9.27 0.89
N ASN A 933 -17.70 9.10 0.10
CA ASN A 933 -19.05 9.39 0.52
C ASN A 933 -19.91 8.13 0.36
N SER A 934 -19.77 7.22 1.32
CA SER A 934 -20.75 6.24 1.76
C SER A 934 -21.45 5.40 0.70
N ARG A 935 -21.04 5.46 -0.55
CA ARG A 935 -21.88 4.82 -1.55
C ARG A 935 -21.11 3.94 -2.52
N VAL A 936 -19.94 4.36 -2.97
CA VAL A 936 -19.21 3.58 -3.96
C VAL A 936 -18.61 2.36 -3.27
N LYS A 937 -18.76 1.20 -3.90
CA LYS A 937 -18.22 -0.03 -3.34
C LYS A 937 -16.70 -0.01 -3.37
N VAL A 938 -16.11 0.69 -4.33
CA VAL A 938 -14.66 0.69 -4.50
C VAL A 938 -14.01 1.47 -3.38
N GLU A 939 -13.18 0.79 -2.61
CA GLU A 939 -12.63 1.32 -1.37
C GLU A 939 -11.44 2.22 -1.67
N LYS A 940 -10.95 2.90 -0.64
CA LYS A 940 -9.65 3.56 -0.69
C LYS A 940 -8.55 2.57 -1.00
N GLN A 941 -8.58 1.41 -0.34
CA GLN A 941 -7.56 0.39 -0.58
C GLN A 941 -7.70 -0.19 -1.97
N VAL A 942 -8.94 -0.40 -2.41
CA VAL A 942 -9.19 -0.93 -3.75
C VAL A 942 -8.73 0.06 -4.79
N TYR A 943 -9.03 1.33 -4.60
CA TYR A 943 -8.62 2.36 -5.51
C TYR A 943 -7.11 2.54 -5.49
N GLN A 944 -6.49 2.31 -4.34
CA GLN A 944 -5.05 2.36 -4.24
C GLN A 944 -4.42 1.22 -5.03
N LYS A 945 -4.99 0.01 -4.89
CA LYS A 945 -4.55 -1.11 -5.71
C LYS A 945 -4.75 -0.81 -7.18
N PHE A 946 -5.87 -0.14 -7.49
CA PHE A 946 -6.19 0.25 -8.85
C PHE A 946 -5.11 1.14 -9.44
N GLU A 947 -4.73 2.18 -8.72
CA GLU A 947 -3.76 3.10 -9.29
C GLU A 947 -2.37 2.50 -9.32
N LYS A 948 -2.06 1.62 -8.38
CA LYS A 948 -0.72 1.02 -8.40
C LYS A 948 -0.58 0.06 -9.58
N MET A 949 -1.58 -0.79 -9.80
CA MET A 949 -1.53 -1.66 -10.96
C MET A 949 -1.62 -0.86 -12.23
N LEU A 950 -2.31 0.28 -12.14
CA LEU A 950 -2.43 1.18 -13.27
C LEU A 950 -1.09 1.73 -13.68
N ILE A 951 -0.36 2.32 -12.72
CA ILE A 951 0.89 2.97 -13.06
C ILE A 951 1.92 1.91 -13.42
N ASP A 952 1.77 0.70 -12.89
CA ASP A 952 2.67 -0.38 -13.29
C ASP A 952 2.43 -0.77 -14.74
N LYS A 953 1.16 -0.85 -15.15
CA LYS A 953 0.85 -1.16 -16.53
C LYS A 953 1.29 -0.04 -17.45
N LEU A 954 1.23 1.19 -16.97
CA LEU A 954 1.70 2.29 -17.79
C LEU A 954 3.20 2.46 -17.75
N ASN A 955 3.88 1.76 -16.86
CA ASN A 955 5.33 1.84 -16.84
C ASN A 955 5.95 1.18 -18.06
N TYR A 956 5.24 0.25 -18.70
CA TYR A 956 5.56 -0.16 -20.06
C TYR A 956 4.27 -0.64 -20.71
N MET A 957 3.91 -0.01 -21.82
CA MET A 957 2.64 -0.32 -22.45
C MET A 957 2.74 -0.94 -23.82
N VAL A 958 2.25 -2.17 -23.97
CA VAL A 958 2.36 -2.91 -25.23
C VAL A 958 1.06 -3.66 -25.50
N ASP A 959 0.45 -3.40 -26.64
CA ASP A 959 -0.59 -4.27 -27.16
C ASP A 959 0.00 -5.58 -27.64
N LYS A 960 -0.62 -6.69 -27.24
CA LYS A 960 -0.19 -7.99 -27.72
C LYS A 960 -0.48 -8.16 -29.20
N LYS A 961 -1.66 -7.71 -29.63
CA LYS A 961 -2.19 -8.04 -30.97
C LYS A 961 -1.37 -7.45 -32.10
N SER A 962 -0.57 -6.42 -31.83
CA SER A 962 0.17 -5.77 -32.88
C SER A 962 1.44 -6.55 -33.23
N ASN A 963 2.16 -6.04 -34.22
CA ASN A 963 3.54 -6.40 -34.41
C ASN A 963 4.33 -5.98 -33.18
N PRO A 964 5.10 -6.88 -32.57
CA PRO A 964 5.96 -6.46 -31.45
C PRO A 964 7.06 -5.51 -31.85
N CYS A 965 7.47 -5.53 -33.12
CA CYS A 965 8.46 -4.57 -33.59
C CYS A 965 7.85 -3.23 -33.93
N ALA A 966 6.53 -3.10 -33.91
CA ALA A 966 5.87 -1.87 -34.30
C ALA A 966 5.82 -0.88 -33.14
N THR A 967 5.47 0.36 -33.48
CA THR A 967 5.26 1.40 -32.48
C THR A 967 4.03 1.06 -31.66
N GLY A 968 4.25 0.71 -30.40
CA GLY A 968 3.23 0.09 -29.59
C GLY A 968 3.51 -1.37 -29.27
N GLY A 969 4.31 -2.02 -30.10
CA GLY A 969 4.69 -3.39 -29.85
C GLY A 969 5.78 -3.48 -28.79
N ALA A 970 6.20 -4.72 -28.54
CA ALA A 970 7.16 -5.01 -27.49
C ALA A 970 8.50 -4.35 -27.69
N LEU A 971 8.91 -4.13 -28.94
CA LEU A 971 10.08 -3.32 -29.19
C LEU A 971 9.81 -1.84 -28.89
N LYS A 972 8.69 -1.31 -29.36
CA LYS A 972 8.45 0.13 -29.34
C LYS A 972 7.14 0.45 -28.65
N GLY A 973 6.95 -0.10 -27.45
CA GLY A 973 5.83 0.25 -26.61
C GLY A 973 6.04 1.55 -25.87
N TYR A 974 5.27 1.72 -24.80
CA TYR A 974 5.15 3.02 -24.15
C TYR A 974 5.47 2.92 -22.66
N GLN A 975 6.64 3.43 -22.29
CA GLN A 975 6.98 3.75 -20.92
C GLN A 975 6.61 5.22 -20.72
N ILE A 976 5.51 5.47 -20.02
CA ILE A 976 4.98 6.82 -19.91
C ILE A 976 5.11 7.40 -18.50
N THR A 977 5.65 6.65 -17.56
CA THR A 977 5.60 7.06 -16.17
C THR A 977 6.78 6.53 -15.39
N ASN A 978 6.98 7.12 -14.21
CA ASN A 978 8.00 6.65 -13.28
C ASN A 978 7.47 5.49 -12.46
N LYS A 979 8.39 4.81 -11.80
CA LYS A 979 8.01 3.70 -10.94
C LYS A 979 7.35 4.22 -9.67
N PHE A 980 6.60 3.32 -9.04
CA PHE A 980 5.85 3.67 -7.84
C PHE A 980 6.81 3.89 -6.67
N GLU A 981 6.50 4.89 -5.86
CA GLU A 981 7.36 5.23 -4.72
C GLU A 981 6.65 4.98 -3.40
N SER A 982 5.51 5.59 -3.14
CA SER A 982 4.76 5.36 -1.92
C SER A 982 3.31 5.76 -2.16
N PHE A 983 2.46 5.34 -1.22
CA PHE A 983 1.07 5.76 -1.26
C PHE A 983 0.90 7.24 -1.06
N LYS A 984 1.82 7.88 -0.35
CA LYS A 984 1.77 9.33 -0.23
C LYS A 984 2.51 10.01 -1.36
N SER A 985 3.27 9.27 -2.16
CA SER A 985 4.07 9.88 -3.21
C SER A 985 3.24 10.34 -4.39
N MET A 986 2.02 9.84 -4.52
CA MET A 986 1.20 10.21 -5.65
C MET A 986 0.69 11.64 -5.50
N SER A 987 1.54 12.57 -5.89
CA SER A 987 1.41 13.99 -5.55
C SER A 987 1.19 14.78 -6.83
N THR A 988 -0.07 14.82 -7.26
CA THR A 988 -0.64 15.64 -8.35
C THR A 988 -0.13 15.34 -9.75
N GLN A 989 0.95 14.55 -9.89
CA GLN A 989 1.50 14.26 -11.20
C GLN A 989 2.48 13.10 -11.20
N ASN A 990 2.26 12.14 -12.08
CA ASN A 990 3.36 11.32 -12.60
C ASN A 990 3.20 11.33 -14.11
N GLY A 991 3.72 12.37 -14.74
CA GLY A 991 3.65 12.54 -16.17
C GLY A 991 2.24 12.72 -16.66
N PHE A 992 1.73 11.73 -17.40
CA PHE A 992 0.36 11.71 -17.90
C PHE A 992 -0.67 11.42 -16.81
N ILE A 993 -0.24 11.24 -15.57
CA ILE A 993 -1.07 10.82 -14.47
C ILE A 993 -1.27 12.03 -13.58
N PHE A 994 -2.49 12.22 -13.09
CA PHE A 994 -2.83 13.44 -12.38
C PHE A 994 -3.73 13.12 -11.21
N TYR A 995 -3.21 13.31 -10.02
CA TYR A 995 -3.91 12.99 -8.77
C TYR A 995 -4.68 14.23 -8.37
N ILE A 996 -5.97 14.23 -8.63
CA ILE A 996 -6.76 15.45 -8.68
C ILE A 996 -7.47 15.64 -7.36
N PRO A 997 -7.39 16.81 -6.75
CA PRO A 997 -8.36 17.17 -5.72
C PRO A 997 -9.74 17.25 -6.32
N ALA A 998 -10.59 16.32 -5.95
CA ALA A 998 -11.95 16.25 -6.47
C ALA A 998 -12.95 16.90 -5.53
N TRP A 999 -12.53 17.94 -4.83
CA TRP A 999 -13.44 18.64 -3.95
C TRP A 999 -14.49 19.38 -4.77
N LEU A 1000 -15.74 19.30 -4.29
CA LEU A 1000 -16.91 19.94 -4.89
C LEU A 1000 -17.11 19.52 -6.34
N THR A 1001 -16.92 18.23 -6.63
CA THR A 1001 -16.94 17.76 -8.00
C THR A 1001 -18.07 16.79 -8.31
N SER A 1002 -18.84 16.36 -7.32
CA SER A 1002 -19.94 15.46 -7.57
C SER A 1002 -21.24 16.23 -7.77
N LYS A 1003 -21.67 16.95 -6.73
CA LYS A 1003 -22.89 17.75 -6.81
C LYS A 1003 -22.49 19.08 -7.42
N ILE A 1004 -22.62 19.17 -8.73
CA ILE A 1004 -22.14 20.31 -9.49
C ILE A 1004 -22.91 20.37 -10.81
N ASP A 1005 -23.34 21.57 -11.19
CA ASP A 1005 -23.96 21.74 -12.49
C ASP A 1005 -22.88 21.83 -13.56
N PRO A 1006 -22.83 20.92 -14.51
CA PRO A 1006 -21.88 21.08 -15.62
C PRO A 1006 -22.41 21.98 -16.71
N SER A 1007 -23.74 22.08 -16.80
CA SER A 1007 -24.37 22.78 -17.91
C SER A 1007 -24.21 24.28 -17.80
N THR A 1008 -24.08 24.81 -16.59
CA THR A 1008 -23.88 26.24 -16.40
C THR A 1008 -22.59 26.49 -15.64
N GLY A 1009 -22.31 25.64 -14.66
CA GLY A 1009 -21.31 25.94 -13.66
C GLY A 1009 -21.87 26.37 -12.33
N PHE A 1010 -22.88 25.69 -11.83
CA PHE A 1010 -23.59 26.12 -10.63
C PHE A 1010 -23.45 25.09 -9.51
N VAL A 1011 -23.41 25.58 -8.28
CA VAL A 1011 -23.36 24.73 -7.10
C VAL A 1011 -24.00 25.47 -5.95
N ASN A 1012 -24.64 24.74 -5.05
CA ASN A 1012 -25.02 25.31 -3.78
C ASN A 1012 -23.81 25.40 -2.87
N LEU A 1013 -23.76 26.46 -2.06
CA LEU A 1013 -22.78 26.58 -1.02
C LEU A 1013 -23.41 26.64 0.36
N LEU A 1014 -24.73 26.65 0.44
CA LEU A 1014 -25.42 27.01 1.67
C LEU A 1014 -25.80 25.77 2.47
N LYS A 1015 -25.52 25.80 3.76
CA LYS A 1015 -25.89 24.73 4.67
C LYS A 1015 -27.39 24.82 4.92
N THR A 1016 -28.13 23.82 4.43
CA THR A 1016 -29.59 23.84 4.49
C THR A 1016 -30.13 23.10 5.69
N LYS A 1017 -29.29 22.75 6.65
CA LYS A 1017 -29.80 22.20 7.90
C LYS A 1017 -30.46 23.32 8.69
N TYR A 1018 -31.69 23.09 9.12
CA TYR A 1018 -32.42 24.08 9.92
C TYR A 1018 -31.72 24.28 11.26
N THR A 1019 -31.48 25.54 11.60
CA THR A 1019 -30.91 25.86 12.90
C THR A 1019 -31.86 26.69 13.76
N SER A 1020 -32.33 27.82 13.27
CA SER A 1020 -33.26 28.63 14.05
C SER A 1020 -34.24 29.33 13.13
N ILE A 1021 -35.31 29.83 13.75
CA ILE A 1021 -36.29 30.62 13.01
C ILE A 1021 -35.70 31.96 12.64
N ALA A 1022 -34.84 32.51 13.50
CA ALA A 1022 -34.12 33.73 13.15
C ALA A 1022 -33.15 33.48 12.00
N ASP A 1023 -32.52 32.30 11.99
CA ASP A 1023 -31.68 31.91 10.86
C ASP A 1023 -32.50 31.78 9.60
N SER A 1024 -33.73 31.27 9.72
CA SER A 1024 -34.63 31.17 8.58
C SER A 1024 -34.99 32.54 8.05
N LYS A 1025 -35.29 33.48 8.94
CA LYS A 1025 -35.71 34.81 8.51
C LYS A 1025 -34.57 35.57 7.87
N LYS A 1026 -33.35 35.46 8.43
CA LYS A 1026 -32.22 36.09 7.79
C LYS A 1026 -31.86 35.39 6.49
N PHE A 1027 -32.13 34.09 6.40
CA PHE A 1027 -31.90 33.38 5.15
C PHE A 1027 -32.89 33.84 4.08
N ILE A 1028 -34.10 34.18 4.50
CA ILE A 1028 -35.08 34.76 3.58
C ILE A 1028 -34.61 36.12 3.11
N SER A 1029 -34.26 37.00 4.06
CA SER A 1029 -33.93 38.37 3.71
C SER A 1029 -32.57 38.50 3.03
N SER A 1030 -31.72 37.48 3.12
CA SER A 1030 -30.48 37.51 2.34
C SER A 1030 -30.76 37.31 0.86
N PHE A 1031 -31.83 36.59 0.52
CA PHE A 1031 -32.35 36.69 -0.83
C PHE A 1031 -32.95 38.07 -1.04
N ASP A 1032 -32.88 38.56 -2.27
CA ASP A 1032 -33.39 39.89 -2.56
C ASP A 1032 -34.72 39.85 -3.30
N ARG A 1033 -35.02 38.75 -3.96
CA ARG A 1033 -36.27 38.65 -4.69
C ARG A 1033 -36.73 37.21 -4.75
N ILE A 1034 -37.96 36.97 -4.33
CA ILE A 1034 -38.65 35.71 -4.52
C ILE A 1034 -39.93 36.03 -5.28
N MET A 1035 -40.01 35.58 -6.53
CA MET A 1035 -41.11 35.96 -7.37
C MET A 1035 -41.77 34.76 -8.04
N TYR A 1036 -43.05 34.54 -7.77
CA TYR A 1036 -43.82 33.59 -8.55
C TYR A 1036 -44.06 34.15 -9.94
N VAL A 1037 -43.90 33.30 -10.94
CA VAL A 1037 -44.22 33.63 -12.32
C VAL A 1037 -45.28 32.65 -12.81
N PRO A 1038 -46.37 33.11 -13.42
CA PRO A 1038 -47.35 32.18 -13.99
C PRO A 1038 -47.10 31.83 -15.44
N GLU A 1039 -46.10 32.42 -16.08
CA GLU A 1039 -45.77 32.07 -17.46
C GLU A 1039 -45.21 30.65 -17.53
N GLU A 1040 -44.13 30.40 -16.80
CA GLU A 1040 -43.56 29.06 -16.67
C GLU A 1040 -44.22 28.26 -15.56
N ASP A 1041 -45.16 28.87 -14.83
CA ASP A 1041 -45.70 28.39 -13.55
C ASP A 1041 -44.56 28.03 -12.60
N LEU A 1042 -43.66 28.98 -12.40
CA LEU A 1042 -42.42 28.75 -11.68
C LEU A 1042 -42.22 29.83 -10.63
N PHE A 1043 -41.03 29.84 -10.05
CA PHE A 1043 -40.67 30.77 -9.00
C PHE A 1043 -39.28 31.33 -9.26
N GLU A 1044 -39.18 32.65 -9.32
CA GLU A 1044 -37.92 33.34 -9.56
C GLU A 1044 -37.17 33.47 -8.24
N PHE A 1045 -35.93 32.97 -8.22
CA PHE A 1045 -35.07 33.04 -7.06
C PHE A 1045 -33.73 33.59 -7.50
N ALA A 1046 -33.61 34.91 -7.57
CA ALA A 1046 -32.35 35.59 -7.81
C ALA A 1046 -31.67 35.85 -6.48
N LEU A 1047 -30.35 35.97 -6.48
CA LEU A 1047 -29.61 36.17 -5.25
C LEU A 1047 -28.21 36.71 -5.54
N ASP A 1048 -27.63 37.30 -4.51
CA ASP A 1048 -26.22 37.64 -4.47
C ASP A 1048 -25.54 36.77 -3.43
N TYR A 1049 -24.46 36.09 -3.84
CA TYR A 1049 -23.74 35.23 -2.91
C TYR A 1049 -22.98 36.01 -1.86
N LYS A 1050 -22.66 37.28 -2.12
CA LYS A 1050 -21.97 38.08 -1.14
C LYS A 1050 -22.87 38.52 0.00
N ASN A 1051 -24.17 38.25 -0.08
CA ASN A 1051 -25.06 38.30 1.07
C ASN A 1051 -25.20 36.95 1.73
N PHE A 1052 -24.24 36.05 1.52
CA PHE A 1052 -24.24 34.74 2.15
C PHE A 1052 -22.83 34.40 2.60
N SER A 1053 -22.75 33.62 3.67
CA SER A 1053 -21.46 33.31 4.27
C SER A 1053 -20.73 32.25 3.46
N ARG A 1054 -19.40 32.40 3.40
CA ARG A 1054 -18.46 31.43 2.84
C ARG A 1054 -18.73 31.16 1.36
N THR A 1055 -19.06 32.23 0.63
CA THR A 1055 -19.35 32.13 -0.79
C THR A 1055 -18.25 32.78 -1.60
N ASP A 1056 -17.02 32.70 -1.09
CA ASP A 1056 -15.90 33.44 -1.68
C ASP A 1056 -15.47 32.89 -3.04
N ALA A 1057 -15.66 31.59 -3.26
CA ALA A 1057 -15.10 30.98 -4.47
C ALA A 1057 -15.91 31.23 -5.72
N ASP A 1058 -17.09 31.84 -5.62
CA ASP A 1058 -17.89 32.07 -6.81
C ASP A 1058 -17.33 33.25 -7.59
N TYR A 1059 -17.68 33.29 -8.87
CA TYR A 1059 -17.28 34.35 -9.77
C TYR A 1059 -18.46 35.07 -10.40
N ILE A 1060 -19.58 34.39 -10.63
CA ILE A 1060 -20.76 35.08 -11.15
C ILE A 1060 -21.62 35.61 -10.03
N LYS A 1061 -22.00 34.74 -9.08
CA LYS A 1061 -22.75 35.02 -7.86
C LYS A 1061 -24.19 35.47 -8.08
N LYS A 1062 -24.64 35.54 -9.33
CA LYS A 1062 -25.97 36.02 -9.66
C LYS A 1062 -26.69 34.94 -10.43
N TRP A 1063 -27.73 34.37 -9.81
CA TRP A 1063 -28.40 33.19 -10.34
C TRP A 1063 -29.89 33.30 -10.04
N LYS A 1064 -30.70 33.39 -11.09
CA LYS A 1064 -32.16 33.29 -10.96
C LYS A 1064 -32.52 31.81 -10.93
N LEU A 1065 -32.78 31.27 -9.75
CA LEU A 1065 -33.10 29.85 -9.65
C LEU A 1065 -34.56 29.61 -9.98
N TYR A 1066 -34.81 28.44 -10.58
CA TYR A 1066 -36.14 28.04 -10.97
C TYR A 1066 -36.35 26.58 -10.60
N SER A 1067 -37.57 26.10 -10.84
CA SER A 1067 -38.06 25.00 -10.01
C SER A 1067 -38.94 23.98 -10.72
N TYR A 1068 -38.78 23.76 -12.02
CA TYR A 1068 -39.66 22.77 -12.63
C TYR A 1068 -39.11 21.36 -12.44
N GLY A 1069 -39.99 20.39 -12.56
CA GLY A 1069 -39.65 19.00 -12.43
C GLY A 1069 -40.11 18.44 -11.10
N ASN A 1070 -39.34 17.46 -10.62
CA ASN A 1070 -39.59 16.83 -9.33
C ASN A 1070 -38.30 16.18 -8.83
N ARG A 1071 -38.30 15.82 -7.56
CA ARG A 1071 -37.14 15.22 -6.93
C ARG A 1071 -37.59 14.07 -6.05
N ILE A 1072 -36.68 13.57 -5.24
CA ILE A 1072 -36.93 12.42 -4.38
C ILE A 1072 -36.50 12.76 -2.96
N ARG A 1073 -37.40 12.60 -2.00
CA ARG A 1073 -37.05 12.65 -0.59
C ARG A 1073 -36.52 11.30 -0.14
N ILE A 1074 -35.47 11.32 0.68
CA ILE A 1074 -34.85 10.08 1.15
C ILE A 1074 -35.80 9.30 2.05
N PHE A 1075 -36.21 9.90 3.17
CA PHE A 1075 -37.25 9.40 4.09
C PHE A 1075 -36.92 8.00 4.63
CA TRP A 1086 -38.56 6.58 -0.14
C TRP A 1086 -39.77 7.49 -0.33
N GLU A 1087 -39.55 8.64 -0.97
CA GLU A 1087 -40.65 9.57 -1.19
C GLU A 1087 -40.36 10.45 -2.40
N GLU A 1088 -41.34 10.57 -3.29
CA GLU A 1088 -41.26 11.46 -4.45
C GLU A 1088 -42.09 12.71 -4.19
N VAL A 1089 -41.48 13.88 -4.41
CA VAL A 1089 -42.15 15.16 -4.26
C VAL A 1089 -41.89 15.98 -5.52
N CYS A 1090 -42.93 16.61 -6.05
CA CYS A 1090 -42.76 17.68 -7.03
C CYS A 1090 -42.68 19.03 -6.33
N LEU A 1091 -41.90 19.92 -6.91
CA LEU A 1091 -41.49 21.14 -6.23
C LEU A 1091 -42.60 22.15 -6.09
N THR A 1092 -43.12 22.59 -7.23
CA THR A 1092 -44.05 23.71 -7.28
C THR A 1092 -45.37 23.39 -6.61
N SER A 1093 -45.82 22.14 -6.73
CA SER A 1093 -47.03 21.70 -6.06
C SER A 1093 -46.85 21.74 -4.55
N ALA A 1094 -45.66 21.33 -4.08
CA ALA A 1094 -45.37 21.36 -2.64
C ALA A 1094 -45.32 22.78 -2.11
N TYR A 1095 -44.70 23.68 -2.90
CA TYR A 1095 -44.71 25.10 -2.58
C TYR A 1095 -46.12 25.62 -2.43
N LYS A 1096 -46.95 25.39 -3.47
CA LYS A 1096 -48.30 25.94 -3.50
C LYS A 1096 -49.20 25.36 -2.43
N GLU A 1097 -49.02 24.07 -2.09
CA GLU A 1097 -49.85 23.51 -1.03
C GLU A 1097 -49.42 24.04 0.33
N LEU A 1098 -48.12 24.29 0.52
CA LEU A 1098 -47.69 24.93 1.76
C LEU A 1098 -48.23 26.36 1.85
N PHE A 1099 -48.25 27.07 0.74
CA PHE A 1099 -48.69 28.47 0.77
C PHE A 1099 -50.19 28.55 0.95
N ASN A 1100 -50.94 27.60 0.40
CA ASN A 1100 -52.38 27.59 0.59
C ASN A 1100 -52.77 27.04 1.95
N LYS A 1101 -51.93 26.19 2.55
CA LYS A 1101 -52.22 25.70 3.89
C LYS A 1101 -51.90 26.74 4.95
N TYR A 1102 -50.87 27.54 4.71
CA TYR A 1102 -50.56 28.65 5.61
C TYR A 1102 -51.17 29.97 5.14
N GLY A 1103 -52.01 29.95 4.11
CA GLY A 1103 -52.76 31.12 3.70
C GLY A 1103 -51.96 32.25 3.08
N ILE A 1104 -51.43 32.04 1.88
CA ILE A 1104 -50.62 33.04 1.20
C ILE A 1104 -51.08 33.20 -0.24
N ASN A 1105 -51.41 34.44 -0.62
CA ASN A 1105 -51.47 34.80 -2.03
C ASN A 1105 -50.05 35.00 -2.54
N TYR A 1106 -49.55 34.04 -3.29
CA TYR A 1106 -48.15 34.01 -3.69
C TYR A 1106 -47.88 34.79 -4.97
N GLN A 1107 -48.91 35.40 -5.57
CA GLN A 1107 -48.82 35.95 -6.90
C GLN A 1107 -48.50 37.44 -6.90
N GLN A 1108 -47.90 37.94 -5.83
CA GLN A 1108 -47.57 39.34 -5.67
C GLN A 1108 -46.15 39.51 -5.15
N GLY A 1109 -45.20 38.81 -5.78
CA GLY A 1109 -43.81 38.92 -5.37
C GLY A 1109 -43.25 40.32 -5.62
N ASP A 1110 -42.31 40.73 -4.78
CA ASP A 1110 -41.69 39.93 -3.73
C ASP A 1110 -42.46 39.97 -2.41
N ILE A 1111 -42.48 38.84 -1.74
CA ILE A 1111 -43.26 38.66 -0.52
C ILE A 1111 -42.38 38.12 0.58
N ARG A 1112 -41.09 38.45 0.53
CA ARG A 1112 -40.12 37.88 1.47
C ARG A 1112 -40.40 38.33 2.90
N ALA A 1113 -40.84 39.57 3.07
CA ALA A 1113 -41.24 40.02 4.39
C ALA A 1113 -42.50 39.31 4.87
N LEU A 1114 -43.37 38.92 3.94
CA LEU A 1114 -44.55 38.15 4.32
C LEU A 1114 -44.18 36.75 4.73
N LEU A 1115 -43.15 36.18 4.10
CA LEU A 1115 -42.61 34.90 4.56
C LEU A 1115 -41.95 35.05 5.93
N CYS A 1116 -41.26 36.16 6.15
CA CYS A 1116 -40.66 36.43 7.45
C CYS A 1116 -41.70 36.75 8.50
N GLU A 1117 -42.92 37.09 8.09
CA GLU A 1117 -43.96 37.47 9.04
C GLU A 1117 -44.48 36.28 9.84
N GLN A 1118 -44.27 35.06 9.36
CA GLN A 1118 -44.74 33.89 10.08
C GLN A 1118 -43.87 33.64 11.31
N SER A 1119 -44.40 32.85 12.24
CA SER A 1119 -43.75 32.66 13.53
C SER A 1119 -43.62 31.20 13.95
N ASP A 1120 -44.40 30.29 13.38
CA ASP A 1120 -44.38 28.90 13.84
C ASP A 1120 -43.13 28.20 13.35
N LYS A 1121 -42.66 27.26 14.17
CA LYS A 1121 -41.46 26.48 13.84
C LYS A 1121 -41.72 25.56 12.66
N ALA A 1122 -42.96 25.07 12.54
CA ALA A 1122 -43.28 24.04 11.56
C ALA A 1122 -43.15 24.56 10.13
N PHE A 1123 -43.64 25.78 9.88
CA PHE A 1123 -43.57 26.36 8.55
C PHE A 1123 -42.14 26.57 8.11
N TYR A 1124 -41.31 27.12 9.00
CA TYR A 1124 -39.95 27.42 8.61
C TYR A 1124 -39.08 26.18 8.53
N SER A 1125 -39.35 25.16 9.35
CA SER A 1125 -38.60 23.92 9.26
C SER A 1125 -38.96 23.18 7.97
N SER A 1126 -40.27 23.12 7.65
CA SER A 1126 -40.69 22.53 6.39
C SER A 1126 -40.22 23.34 5.20
N PHE A 1127 -40.11 24.66 5.37
CA PHE A 1127 -39.60 25.53 4.33
C PHE A 1127 -38.12 25.29 4.10
N MET A 1128 -37.38 25.06 5.16
CA MET A 1128 -35.97 24.71 5.09
C MET A 1128 -35.79 23.40 4.37
N ALA A 1129 -36.70 22.47 4.67
CA ALA A 1129 -36.72 21.19 3.97
C ALA A 1129 -36.99 21.36 2.49
N LEU A 1130 -37.96 22.21 2.15
CA LEU A 1130 -38.31 22.45 0.75
C LEU A 1130 -37.19 23.14 0.01
N MET A 1131 -36.47 24.03 0.68
CA MET A 1131 -35.33 24.71 0.08
C MET A 1131 -34.21 23.72 -0.15
N SER A 1132 -34.07 22.78 0.79
CA SER A 1132 -33.12 21.69 0.62
C SER A 1132 -33.45 20.85 -0.60
N LEU A 1133 -34.75 20.63 -0.84
CA LEU A 1133 -35.16 19.94 -2.05
C LEU A 1133 -34.82 20.75 -3.29
N MET A 1134 -34.99 22.06 -3.21
CA MET A 1134 -34.74 22.93 -4.35
C MET A 1134 -33.27 22.92 -4.73
N LEU A 1135 -32.41 23.08 -3.72
CA LEU A 1135 -30.98 23.03 -3.99
C LEU A 1135 -30.49 21.62 -4.28
N GLN A 1136 -31.25 20.62 -3.86
CA GLN A 1136 -30.83 19.23 -4.08
C GLN A 1136 -30.93 18.92 -5.57
N MET A 1137 -29.88 18.30 -6.10
CA MET A 1137 -29.84 17.98 -7.51
C MET A 1137 -29.87 16.50 -7.79
N ARG A 1138 -29.32 15.68 -6.88
CA ARG A 1138 -29.20 14.26 -7.12
C ARG A 1138 -30.34 13.52 -6.43
N ASN A 1139 -30.99 12.64 -7.19
CA ASN A 1139 -31.97 11.72 -6.64
C ASN A 1139 -31.61 10.32 -7.10
N SER A 1140 -31.66 9.36 -6.19
CA SER A 1140 -31.42 7.97 -6.53
C SER A 1140 -32.32 7.09 -5.67
N ILE A 1141 -32.97 6.12 -6.29
CA ILE A 1141 -33.85 5.23 -5.54
C ILE A 1141 -33.05 4.19 -4.78
N THR A 1142 -31.77 4.00 -5.16
CA THR A 1142 -30.75 3.16 -4.51
C THR A 1142 -31.08 1.67 -4.45
N GLY A 1143 -32.17 1.25 -5.07
CA GLY A 1143 -32.50 -0.16 -5.12
C GLY A 1143 -32.60 -0.63 -6.55
N ARG A 1144 -32.96 0.27 -7.45
CA ARG A 1144 -33.12 -0.02 -8.86
C ARG A 1144 -32.10 0.76 -9.65
N THR A 1145 -31.48 0.11 -10.64
CA THR A 1145 -30.37 0.68 -11.37
C THR A 1145 -30.76 1.83 -12.29
N ASP A 1146 -32.03 1.94 -12.67
CA ASP A 1146 -32.37 2.89 -13.72
C ASP A 1146 -32.66 4.27 -13.15
N VAL A 1147 -33.60 4.36 -12.21
CA VAL A 1147 -34.16 5.64 -11.80
C VAL A 1147 -33.25 6.22 -10.72
N ASP A 1148 -32.16 6.85 -11.16
CA ASP A 1148 -31.21 7.55 -10.29
C ASP A 1148 -30.77 8.78 -11.10
N PHE A 1149 -31.44 9.90 -10.90
CA PHE A 1149 -31.32 11.00 -11.85
C PHE A 1149 -30.79 12.27 -11.21
N LEU A 1150 -30.54 13.26 -12.08
CA LEU A 1150 -30.04 14.58 -11.71
C LEU A 1150 -30.93 15.65 -12.30
N ILE A 1151 -30.88 16.84 -11.69
CA ILE A 1151 -31.67 17.99 -12.13
C ILE A 1151 -31.03 19.29 -11.67
N SER A 1152 -30.84 20.23 -12.59
CA SER A 1152 -30.29 21.54 -12.29
C SER A 1152 -31.39 22.57 -12.15
N PRO A 1153 -31.22 23.61 -11.33
CA PRO A 1153 -32.28 24.61 -11.13
C PRO A 1153 -32.16 25.88 -11.97
N VAL A 1154 -31.06 26.09 -12.69
CA VAL A 1154 -30.76 27.37 -13.33
C VAL A 1154 -30.51 27.15 -14.82
N LYS A 1155 -31.24 27.89 -15.65
CA LYS A 1155 -31.21 27.74 -17.09
C LYS A 1155 -29.84 28.09 -17.67
N ASN A 1156 -29.63 27.72 -18.92
CA ASN A 1156 -28.35 27.94 -19.57
C ASN A 1156 -28.25 29.39 -20.04
N SER A 1157 -27.27 29.66 -20.89
CA SER A 1157 -27.15 30.96 -21.54
C SER A 1157 -28.25 31.24 -22.55
N ASP A 1158 -29.08 30.25 -22.88
CA ASP A 1158 -30.17 30.45 -23.82
C ASP A 1158 -31.54 30.19 -23.23
N GLY A 1159 -31.63 29.73 -21.99
CA GLY A 1159 -32.92 29.65 -21.33
C GLY A 1159 -33.48 28.27 -21.14
N ILE A 1160 -32.63 27.29 -20.82
CA ILE A 1160 -33.07 25.95 -20.52
C ILE A 1160 -32.07 25.32 -19.57
N PHE A 1161 -32.53 24.49 -18.65
CA PHE A 1161 -31.55 23.76 -17.84
C PHE A 1161 -31.68 22.26 -18.04
N TYR A 1162 -30.86 21.54 -17.29
CA TYR A 1162 -30.46 20.18 -17.62
C TYR A 1162 -31.05 19.20 -16.62
N ASP A 1163 -31.68 18.17 -17.15
CA ASP A 1163 -32.03 16.98 -16.39
C ASP A 1163 -31.43 15.76 -17.09
N SER A 1164 -30.97 14.81 -16.28
CA SER A 1164 -30.35 13.61 -16.79
C SER A 1164 -31.32 12.70 -17.52
N ARG A 1165 -32.60 12.72 -17.15
CA ARG A 1165 -33.58 11.87 -17.82
C ARG A 1165 -33.88 12.35 -19.23
N ASN A 1166 -33.51 13.58 -19.56
CA ASN A 1166 -33.70 14.09 -20.90
C ASN A 1166 -32.47 13.91 -21.77
N TYR A 1167 -31.44 13.23 -21.27
CA TYR A 1167 -30.27 12.97 -22.08
C TYR A 1167 -29.75 11.55 -21.89
N GLU A 1168 -30.53 10.68 -21.27
CA GLU A 1168 -30.08 9.31 -21.04
C GLU A 1168 -30.07 8.51 -22.34
N ALA A 1169 -31.20 8.47 -23.04
CA ALA A 1169 -31.34 7.66 -24.25
C ALA A 1169 -30.65 8.38 -25.40
N GLN A 1170 -29.33 8.28 -25.41
CA GLN A 1170 -28.51 8.91 -26.43
C GLN A 1170 -27.32 8.03 -26.73
N GLU A 1171 -26.60 8.41 -27.78
CA GLU A 1171 -25.40 7.72 -28.21
C GLU A 1171 -24.19 8.64 -28.18
N ASN A 1172 -24.35 9.87 -28.67
CA ASN A 1172 -23.27 10.84 -28.66
C ASN A 1172 -23.91 12.23 -28.69
N ALA A 1173 -24.00 12.86 -27.53
CA ALA A 1173 -24.47 14.23 -27.41
C ALA A 1173 -23.40 15.06 -26.70
N ILE A 1174 -23.63 16.37 -26.64
CA ILE A 1174 -22.69 17.25 -25.94
C ILE A 1174 -22.89 17.16 -24.43
N LEU A 1175 -23.97 16.69 -24.00
CA LEU A 1175 -24.32 16.61 -22.59
C LEU A 1175 -23.62 15.45 -21.90
N PRO A 1176 -23.44 15.55 -20.59
CA PRO A 1176 -23.23 14.36 -19.78
C PRO A 1176 -24.52 13.60 -19.56
N LYS A 1177 -24.45 12.54 -18.76
CA LYS A 1177 -25.60 11.66 -18.56
C LYS A 1177 -26.00 11.42 -17.12
N ASN A 1178 -25.07 11.51 -16.17
CA ASN A 1178 -25.40 11.29 -14.77
C ASN A 1178 -24.41 12.04 -13.90
N ALA A 1179 -24.44 11.73 -12.60
CA ALA A 1179 -23.44 12.25 -11.67
C ALA A 1179 -22.06 11.70 -12.00
N ASP A 1180 -22.02 10.50 -12.56
CA ASP A 1180 -20.75 9.87 -12.90
C ASP A 1180 -20.05 10.64 -13.99
N ALA A 1181 -20.78 10.90 -15.07
CA ALA A 1181 -20.27 11.73 -16.14
C ALA A 1181 -20.05 13.16 -15.69
N ASN A 1182 -20.83 13.62 -14.71
CA ASN A 1182 -20.64 14.96 -14.17
C ASN A 1182 -19.27 15.08 -13.52
N GLY A 1183 -18.96 14.16 -12.61
CA GLY A 1183 -17.67 14.19 -11.96
C GLY A 1183 -16.53 13.95 -12.94
N ALA A 1184 -16.77 13.10 -13.95
CA ALA A 1184 -15.77 12.85 -14.96
C ALA A 1184 -15.48 14.11 -15.78
N TYR A 1185 -16.54 14.82 -16.15
CA TYR A 1185 -16.39 16.07 -16.87
C TYR A 1185 -15.73 17.11 -15.99
N ASN A 1186 -15.97 17.03 -14.68
CA ASN A 1186 -15.27 17.89 -13.74
C ASN A 1186 -13.78 17.66 -13.79
N ILE A 1187 -13.35 16.40 -13.69
CA ILE A 1187 -11.94 15.99 -13.85
C ILE A 1187 -11.35 16.56 -15.11
N ALA A 1188 -12.08 16.41 -16.21
CA ALA A 1188 -11.63 16.90 -17.51
C ALA A 1188 -11.44 18.40 -17.50
N ARG A 1189 -12.34 19.13 -16.84
CA ARG A 1189 -12.19 20.57 -16.77
C ARG A 1189 -11.02 20.96 -15.89
N LYS A 1190 -10.74 20.17 -14.85
CA LYS A 1190 -9.57 20.46 -14.01
C LYS A 1190 -8.29 20.37 -14.82
N VAL A 1191 -8.13 19.27 -15.56
CA VAL A 1191 -6.91 19.17 -16.32
C VAL A 1191 -6.91 20.10 -17.52
N LEU A 1192 -8.10 20.48 -17.99
CA LEU A 1192 -8.20 21.49 -19.04
C LEU A 1192 -7.70 22.84 -18.54
N TRP A 1193 -8.07 23.21 -17.31
CA TRP A 1193 -7.53 24.41 -16.71
C TRP A 1193 -6.04 24.31 -16.50
N ALA A 1194 -5.55 23.10 -16.19
CA ALA A 1194 -4.11 22.91 -16.06
C ALA A 1194 -3.41 23.19 -17.38
N ILE A 1195 -3.99 22.74 -18.49
CA ILE A 1195 -3.42 23.06 -19.79
C ILE A 1195 -3.54 24.54 -20.07
N GLY A 1196 -4.62 25.16 -19.59
CA GLY A 1196 -4.75 26.61 -19.74
C GLY A 1196 -3.68 27.37 -18.98
N GLN A 1197 -3.28 26.84 -17.82
CA GLN A 1197 -2.17 27.42 -17.10
C GLN A 1197 -0.88 27.20 -17.85
N PHE A 1198 -0.75 26.04 -18.50
CA PHE A 1198 0.43 25.76 -19.31
C PHE A 1198 0.52 26.68 -20.51
N LYS A 1199 -0.62 27.18 -20.98
CA LYS A 1199 -0.67 28.13 -22.07
C LYS A 1199 -0.45 29.56 -21.61
N LYS A 1200 0.20 29.75 -20.47
CA LYS A 1200 0.44 31.09 -19.94
C LYS A 1200 1.90 31.39 -19.64
N ALA A 1201 2.70 30.39 -19.31
CA ALA A 1201 4.04 30.62 -18.79
C ALA A 1201 5.09 30.14 -19.80
N GLU A 1202 6.34 30.19 -19.35
CA GLU A 1202 7.46 29.79 -20.16
C GLU A 1202 7.83 28.34 -19.88
N ASP A 1203 8.51 27.73 -20.84
CA ASP A 1203 8.79 26.29 -20.80
C ASP A 1203 9.70 25.93 -19.63
N GLU A 1204 10.62 26.82 -19.29
CA GLU A 1204 11.45 26.65 -18.11
C GLU A 1204 10.68 26.84 -16.81
N LYS A 1205 9.47 27.37 -16.87
CA LYS A 1205 8.66 27.61 -15.68
C LYS A 1205 7.60 26.55 -15.45
N LEU A 1206 7.38 25.66 -16.42
CA LEU A 1206 6.27 24.73 -16.34
C LEU A 1206 6.46 23.70 -15.24
N ASP A 1207 7.71 23.35 -14.95
CA ASP A 1207 8.01 22.53 -13.79
C ASP A 1207 7.62 23.22 -12.50
N LYS A 1208 7.87 24.52 -12.41
CA LYS A 1208 7.53 25.28 -11.22
C LYS A 1208 6.08 25.73 -11.20
N VAL A 1209 5.32 25.44 -12.25
CA VAL A 1209 3.91 25.80 -12.27
C VAL A 1209 3.17 25.00 -11.20
N LYS A 1210 2.49 25.73 -10.32
CA LYS A 1210 1.63 25.10 -9.34
C LYS A 1210 0.41 24.51 -10.04
N ILE A 1211 0.01 23.32 -9.60
CA ILE A 1211 -0.90 22.48 -10.36
C ILE A 1211 -2.27 22.37 -9.72
N ALA A 1212 -2.30 22.16 -8.40
CA ALA A 1212 -3.54 21.86 -7.68
C ALA A 1212 -4.50 23.05 -7.73
N ILE A 1213 -5.57 22.89 -8.50
CA ILE A 1213 -6.53 23.97 -8.69
C ILE A 1213 -7.30 24.20 -7.41
N SER A 1214 -7.64 25.45 -7.14
CA SER A 1214 -8.51 25.76 -6.02
C SER A 1214 -9.90 26.14 -6.51
N ASN A 1215 -10.79 26.34 -5.54
CA ASN A 1215 -12.21 26.41 -5.85
C ASN A 1215 -12.58 27.71 -6.54
N LYS A 1216 -11.88 28.80 -6.24
CA LYS A 1216 -12.24 30.10 -6.78
C LYS A 1216 -12.00 30.16 -8.29
N GLU A 1217 -10.77 29.90 -8.70
CA GLU A 1217 -10.46 29.87 -10.13
C GLU A 1217 -11.13 28.67 -10.79
N TRP A 1218 -11.46 27.64 -10.03
CA TRP A 1218 -12.20 26.51 -10.58
C TRP A 1218 -13.60 26.93 -10.99
N LEU A 1219 -14.30 27.64 -10.12
CA LEU A 1219 -15.63 28.13 -10.46
C LEU A 1219 -15.57 29.21 -11.52
N GLU A 1220 -14.51 30.01 -11.55
CA GLU A 1220 -14.40 31.01 -12.61
C GLU A 1220 -14.21 30.34 -13.96
N TYR A 1221 -13.39 29.28 -14.01
CA TYR A 1221 -13.24 28.49 -15.22
C TYR A 1221 -14.55 27.85 -15.63
N ALA A 1222 -15.28 27.33 -14.65
CA ALA A 1222 -16.57 26.70 -14.90
C ALA A 1222 -17.58 27.70 -15.45
N GLN A 1223 -17.56 28.92 -14.94
CA GLN A 1223 -18.56 29.88 -15.36
C GLN A 1223 -18.20 30.57 -16.66
N THR A 1224 -16.91 30.69 -16.97
CA THR A 1224 -16.51 31.41 -18.18
C THR A 1224 -16.35 30.51 -19.40
N SER A 1225 -15.76 29.32 -19.25
CA SER A 1225 -15.59 28.45 -20.41
C SER A 1225 -16.87 27.71 -20.77
N VAL A 1226 -17.97 27.94 -20.04
CA VAL A 1226 -19.24 27.29 -20.34
C VAL A 1226 -19.91 27.86 -21.58
N LYS A 1227 -19.41 29.00 -22.09
CA LYS A 1227 -19.89 29.77 -23.26
C LYS A 1227 -21.41 29.89 -23.39
#